data_3PTK
#
_entry.id   3PTK
#
_cell.length_a   112.656
_cell.length_b   112.656
_cell.length_c   182.773
_cell.angle_alpha   90.00
_cell.angle_beta   90.00
_cell.angle_gamma   90.00
#
_symmetry.space_group_name_H-M   'P 43 21 2'
#
loop_
_entity.id
_entity.type
_entity.pdbx_description
1 polymer 'Beta-glucosidase Os4BGlu12'
2 non-polymer 2-AMINO-2-HYDROXYMETHYL-PROPANE-1,3-DIOL
3 non-polymer 'ZINC ION'
4 water water
#
_entity_poly.entity_id   1
_entity_poly.type   'polypeptide(L)'
_entity_poly.pdbx_seq_one_letter_code
;AMADITSLYKKAGSAAAPFAYNSAGEPPVSRRSFPKGFIFGTASSSYQYEGGAAEGGRGPSIWDTFTHQHPEKIADRSNG
DVASDSYHLYKEDVRLMKDMGMDAYRFSISWTRILPNGSLRGGVNKEGIKYYNNLINELLSKGVQPFITLFHWDSPQALE
DKYNGFLSPNIINDFKDYAEICFKEFGDRVKNWITFNEPWTFCSNGYATGLFAPGRCSPWEKGNCSVGDSGREPYTACHH
QLLAHAETVRLYKAKYQALQKGKIGITLVSHWFVPFSRSKSNNDAAKRAIDFMFGWFMDPLIRGDYPLSMRGLVGNRLPQ
FTKEQSKLVKGAFDFIGLNYYTANYADNLPPSNGLNNSYTTDSRANLTGVRNGIPIGPQAASPWLYVYPQGFRDLLLYVK
ENYGNPTVYITENGVDEFNNKTLPLQEALKDDARIEYYHKHLLSLLSAIRDGANVKGYFAWSLLDNFEWSNGYTVRFGIN
FVDYNDGRKRYPKNSAHWFKKFLLK
;
_entity_poly.pdbx_strand_id   A,B
#
loop_
_chem_comp.id
_chem_comp.type
_chem_comp.name
_chem_comp.formula
TRS non-polymer 2-AMINO-2-HYDROXYMETHYL-PROPANE-1,3-DIOL 'C4 H12 N O3 1'
ZN non-polymer 'ZINC ION' 'Zn 2'
#
# COMPACT_ATOMS: atom_id res chain seq x y z
N PRO A 28 8.95 16.04 -37.14
CA PRO A 28 8.78 16.38 -35.73
C PRO A 28 10.05 16.10 -34.90
N VAL A 29 10.02 15.10 -34.04
CA VAL A 29 11.20 14.62 -33.31
C VAL A 29 10.89 13.28 -32.68
N SER A 30 11.84 12.36 -32.77
CA SER A 30 11.70 11.03 -32.19
C SER A 30 13.10 10.53 -31.81
N ARG A 31 13.18 9.32 -31.27
CA ARG A 31 14.50 8.75 -30.96
C ARG A 31 15.34 8.60 -32.22
N ARG A 32 14.69 8.39 -33.37
CA ARG A 32 15.37 8.33 -34.65
C ARG A 32 16.23 9.56 -34.96
N SER A 33 15.83 10.73 -34.43
CA SER A 33 16.60 11.96 -34.64
C SER A 33 17.94 11.95 -33.91
N PHE A 34 18.06 11.10 -32.89
CA PHE A 34 19.21 11.07 -31.99
C PHE A 34 20.22 10.02 -32.45
N PRO A 35 21.51 10.17 -32.07
CA PRO A 35 22.55 9.23 -32.49
C PRO A 35 22.17 7.78 -32.21
N LYS A 36 22.67 6.86 -33.04
CA LYS A 36 22.44 5.47 -32.81
C LYS A 36 23.08 5.09 -31.45
N GLY A 37 22.37 4.27 -30.68
CA GLY A 37 22.86 3.83 -29.38
C GLY A 37 22.57 4.78 -28.22
N PHE A 38 21.88 5.88 -28.49
CA PHE A 38 21.57 6.88 -27.48
C PHE A 38 20.55 6.32 -26.50
N ILE A 39 20.77 6.52 -25.21
CA ILE A 39 19.95 5.90 -24.18
C ILE A 39 18.83 6.82 -23.66
N PHE A 40 17.61 6.28 -23.58
CA PHE A 40 16.48 6.99 -22.99
C PHE A 40 15.94 6.26 -21.78
N GLY A 41 15.57 7.01 -20.76
CA GLY A 41 15.06 6.41 -19.54
C GLY A 41 14.30 7.37 -18.65
N THR A 42 13.91 6.86 -17.49
CA THR A 42 13.30 7.66 -16.44
C THR A 42 14.13 7.52 -15.17
N ALA A 43 13.96 8.48 -14.27
CA ALA A 43 14.68 8.49 -13.00
C ALA A 43 13.71 8.48 -11.84
N SER A 44 14.18 7.94 -10.72
CA SER A 44 13.44 7.87 -9.46
C SER A 44 14.48 7.96 -8.34
N SER A 45 14.03 8.03 -7.09
CA SER A 45 14.95 7.92 -5.96
C SER A 45 14.29 7.15 -4.83
N SER A 46 15.10 6.53 -3.98
CA SER A 46 14.60 5.58 -2.99
C SER A 46 13.55 6.17 -2.03
N TYR A 47 13.92 7.23 -1.32
CA TYR A 47 13.02 7.81 -0.33
C TYR A 47 11.73 8.40 -0.93
N GLN A 48 11.81 8.92 -2.13
CA GLN A 48 10.65 9.54 -2.76
C GLN A 48 9.67 8.51 -3.32
N TYR A 49 10.14 7.29 -3.56
CA TYR A 49 9.36 6.26 -4.28
C TYR A 49 8.95 5.07 -3.41
N GLU A 50 9.89 4.59 -2.58
CA GLU A 50 9.80 3.23 -1.99
C GLU A 50 8.67 3.00 -1.01
N GLY A 51 8.56 3.87 -0.01
CA GLY A 51 7.79 3.55 1.16
C GLY A 51 8.43 2.35 1.84
N GLY A 52 7.62 1.56 2.54
CA GLY A 52 8.14 0.50 3.40
C GLY A 52 9.29 1.06 4.21
N ALA A 53 9.11 2.28 4.70
CA ALA A 53 10.16 3.00 5.43
C ALA A 53 10.72 2.22 6.62
N ALA A 54 9.86 1.45 7.28
CA ALA A 54 10.29 0.63 8.41
C ALA A 54 10.05 -0.87 8.17
N GLU A 55 10.02 -1.28 6.90
CA GLU A 55 9.91 -2.69 6.58
C GLU A 55 11.25 -3.26 6.18
N GLY A 56 11.33 -4.59 6.13
CA GLY A 56 12.50 -5.30 5.63
C GLY A 56 13.82 -4.91 6.26
N GLY A 57 13.77 -4.53 7.54
CA GLY A 57 14.95 -4.17 8.32
C GLY A 57 15.55 -2.81 8.03
N ARG A 58 14.83 -1.93 7.32
CA ARG A 58 15.34 -0.60 7.02
C ARG A 58 15.50 0.27 8.28
N GLY A 59 16.67 0.89 8.42
CA GLY A 59 16.92 1.83 9.50
C GLY A 59 16.50 3.21 9.06
N PRO A 60 16.32 4.14 10.02
CA PRO A 60 15.87 5.49 9.70
C PRO A 60 16.95 6.31 9.01
N SER A 61 16.52 7.15 8.07
CA SER A 61 17.40 8.13 7.43
C SER A 61 17.12 9.47 8.03
N ILE A 62 17.96 10.45 7.73
CA ILE A 62 17.72 11.82 8.18
C ILE A 62 16.42 12.42 7.63
N TRP A 63 15.88 11.83 6.56
CA TRP A 63 14.61 12.28 6.03
C TRP A 63 13.40 11.67 6.74
N ASP A 64 13.58 10.49 7.34
CA ASP A 64 12.53 9.95 8.21
C ASP A 64 12.39 10.87 9.42
N THR A 65 13.52 11.16 10.04
CA THR A 65 13.57 12.04 11.19
C THR A 65 12.97 13.39 10.85
N PHE A 66 13.48 14.01 9.79
CA PHE A 66 13.06 15.34 9.39
C PHE A 66 11.55 15.45 9.16
N THR A 67 10.97 14.50 8.42
CA THR A 67 9.56 14.59 8.10
C THR A 67 8.66 14.36 9.31
N HIS A 68 9.11 13.50 10.22
CA HIS A 68 8.33 13.17 11.41
C HIS A 68 8.51 14.15 12.56
N GLN A 69 9.70 14.72 12.68
CA GLN A 69 10.01 15.67 13.75
C GLN A 69 9.80 17.14 13.37
N HIS A 70 9.69 17.43 12.07
CA HIS A 70 9.45 18.80 11.63
C HIS A 70 8.41 18.88 10.49
N PRO A 71 7.21 18.34 10.72
CA PRO A 71 6.15 18.37 9.72
C PRO A 71 5.76 19.75 9.21
N GLU A 72 5.98 20.79 10.01
CA GLU A 72 5.72 22.18 9.59
C GLU A 72 6.58 22.55 8.39
N LYS A 73 7.73 21.90 8.27
CA LYS A 73 8.67 22.18 7.19
C LYS A 73 8.36 21.45 5.88
N ILE A 74 7.26 20.71 5.87
CA ILE A 74 6.76 20.04 4.68
C ILE A 74 5.39 20.64 4.30
N ALA A 75 5.27 21.10 3.05
CA ALA A 75 4.05 21.77 2.58
C ALA A 75 2.74 21.18 3.12
N ASP A 76 2.58 19.86 3.02
CA ASP A 76 1.33 19.21 3.41
C ASP A 76 1.50 18.34 4.65
N ARG A 77 2.54 18.63 5.45
CA ARG A 77 2.81 17.90 6.69
C ARG A 77 2.92 16.38 6.52
N SER A 78 3.46 15.94 5.38
CA SER A 78 3.52 14.51 5.06
C SER A 78 4.93 13.91 5.14
N ASN A 79 5.05 12.63 4.84
CA ASN A 79 6.33 11.93 4.93
C ASN A 79 6.47 10.85 3.86
N GLY A 80 7.64 10.21 3.82
CA GLY A 80 7.84 9.13 2.86
C GLY A 80 7.54 7.71 3.31
N ASP A 81 6.80 7.55 4.41
CA ASP A 81 6.50 6.21 4.97
C ASP A 81 5.98 5.21 3.95
N VAL A 82 5.06 5.68 3.10
CA VAL A 82 4.43 4.87 2.07
C VAL A 82 4.87 5.36 0.70
N ALA A 83 4.97 6.68 0.54
CA ALA A 83 5.40 7.30 -0.71
C ALA A 83 4.58 6.75 -1.88
N SER A 84 5.25 6.22 -2.89
CA SER A 84 4.56 5.65 -4.05
C SER A 84 4.45 4.14 -3.96
N ASP A 85 4.84 3.59 -2.81
CA ASP A 85 4.83 2.15 -2.50
C ASP A 85 5.62 1.28 -3.51
N SER A 86 6.71 1.80 -4.05
CA SER A 86 7.52 1.02 -5.00
C SER A 86 8.19 -0.16 -4.34
N TYR A 87 8.35 -0.11 -3.02
CA TYR A 87 8.87 -1.27 -2.30
C TYR A 87 8.00 -2.51 -2.56
N HIS A 88 6.69 -2.33 -2.69
CA HIS A 88 5.84 -3.44 -3.09
C HIS A 88 5.54 -3.45 -4.57
N LEU A 89 5.45 -2.26 -5.18
CA LEU A 89 4.85 -2.11 -6.52
C LEU A 89 5.86 -2.04 -7.67
N TYR A 90 7.13 -2.29 -7.37
CA TYR A 90 8.20 -2.16 -8.38
C TYR A 90 8.01 -2.99 -9.67
N LYS A 91 7.25 -4.08 -9.60
CA LYS A 91 6.96 -4.88 -10.80
C LYS A 91 6.05 -4.13 -11.76
N GLU A 92 5.06 -3.44 -11.20
CA GLU A 92 4.21 -2.55 -11.97
C GLU A 92 5.01 -1.42 -12.63
N ASP A 93 5.94 -0.84 -11.87
CA ASP A 93 6.80 0.24 -12.37
C ASP A 93 7.61 -0.22 -13.59
N VAL A 94 8.28 -1.36 -13.46
CA VAL A 94 9.05 -1.93 -14.55
C VAL A 94 8.15 -2.15 -15.78
N ARG A 95 6.98 -2.72 -15.57
CA ARG A 95 6.02 -2.94 -16.66
C ARG A 95 5.69 -1.63 -17.39
N LEU A 96 5.44 -0.56 -16.63
CA LEU A 96 5.11 0.74 -17.21
C LEU A 96 6.19 1.30 -18.10
N MET A 97 7.44 1.14 -17.67
CA MET A 97 8.57 1.73 -18.40
C MET A 97 8.93 0.89 -19.65
N LYS A 98 8.70 -0.41 -19.56
CA LYS A 98 8.85 -1.28 -20.71
C LYS A 98 7.80 -0.97 -21.79
N ASP A 99 6.57 -0.67 -21.34
CA ASP A 99 5.49 -0.31 -22.26
C ASP A 99 5.72 1.01 -23.00
N MET A 100 6.36 1.98 -22.34
CA MET A 100 6.83 3.19 -23.00
C MET A 100 7.97 2.89 -23.96
N GLY A 101 8.71 1.83 -23.67
CA GLY A 101 9.88 1.46 -24.47
C GLY A 101 11.17 2.11 -23.98
N MET A 102 11.27 2.37 -22.68
CA MET A 102 12.49 2.93 -22.09
C MET A 102 13.68 1.95 -22.19
N ASP A 103 14.87 2.47 -22.45
CA ASP A 103 16.08 1.66 -22.45
C ASP A 103 16.67 1.46 -21.05
N ALA A 104 16.44 2.43 -20.18
CA ALA A 104 17.18 2.46 -18.94
C ALA A 104 16.33 3.03 -17.80
N TYR A 105 16.70 2.66 -16.59
CA TYR A 105 16.05 3.18 -15.39
C TYR A 105 17.13 3.62 -14.40
N ARG A 106 17.05 4.89 -14.00
CA ARG A 106 17.88 5.42 -12.95
C ARG A 106 17.11 5.37 -11.66
N PHE A 107 17.66 4.64 -10.69
CA PHE A 107 17.09 4.62 -9.35
C PHE A 107 18.22 4.71 -8.34
N SER A 108 17.86 4.89 -7.07
CA SER A 108 18.86 4.98 -6.02
C SER A 108 18.64 3.89 -5.00
N ILE A 109 19.73 3.50 -4.38
CA ILE A 109 19.68 2.55 -3.28
C ILE A 109 19.61 3.32 -1.98
N SER A 110 18.70 2.89 -1.10
CA SER A 110 18.63 3.42 0.27
C SER A 110 19.77 2.87 1.14
N TRP A 111 20.71 3.74 1.49
CA TRP A 111 21.82 3.41 2.35
C TRP A 111 21.36 2.61 3.59
N THR A 112 20.33 3.09 4.29
CA THR A 112 19.88 2.43 5.52
C THR A 112 19.07 1.16 5.29
N ARG A 113 18.82 0.82 4.03
CA ARG A 113 18.17 -0.43 3.70
C ARG A 113 19.21 -1.52 3.58
N ILE A 114 20.44 -1.14 3.22
CA ILE A 114 21.57 -2.06 3.15
C ILE A 114 22.30 -2.13 4.51
N LEU A 115 22.59 -0.96 5.07
CA LEU A 115 23.28 -0.85 6.37
C LEU A 115 22.42 0.00 7.30
N PRO A 116 21.52 -0.65 8.08
CA PRO A 116 20.51 0.07 8.88
C PRO A 116 21.05 1.14 9.80
N ASN A 117 22.28 1.03 10.26
CA ASN A 117 22.87 2.21 10.88
C ASN A 117 24.17 2.73 10.29
N GLY A 118 24.24 2.66 8.96
CA GLY A 118 25.21 3.43 8.22
C GLY A 118 26.56 2.81 8.07
N SER A 119 27.03 2.13 9.11
CA SER A 119 28.36 1.52 9.09
C SER A 119 28.32 0.01 8.83
N LEU A 120 29.45 -0.50 8.35
CA LEU A 120 29.66 -1.93 8.17
C LEU A 120 29.53 -2.70 9.49
N ARG A 121 30.19 -2.22 10.55
CA ARG A 121 30.13 -2.93 11.83
C ARG A 121 28.70 -3.00 12.39
N GLY A 122 27.85 -2.06 11.98
CA GLY A 122 26.43 -2.08 12.33
C GLY A 122 25.63 -3.24 11.75
N GLY A 123 26.16 -3.91 10.73
CA GLY A 123 25.47 -5.08 10.18
C GLY A 123 24.89 -4.85 8.79
N VAL A 124 24.98 -5.89 7.97
CA VAL A 124 24.45 -5.87 6.61
C VAL A 124 23.04 -6.44 6.65
N ASN A 125 22.11 -5.75 5.99
CA ASN A 125 20.70 -6.17 5.95
C ASN A 125 20.39 -7.01 4.71
N LYS A 126 20.26 -8.30 4.90
CA LYS A 126 20.06 -9.23 3.80
C LYS A 126 18.72 -9.07 3.08
N GLU A 127 17.69 -8.68 3.82
CA GLU A 127 16.39 -8.45 3.21
C GLU A 127 16.43 -7.24 2.28
N GLY A 128 17.26 -6.26 2.61
CA GLY A 128 17.48 -5.09 1.76
C GLY A 128 18.19 -5.43 0.45
N ILE A 129 19.28 -6.19 0.55
CA ILE A 129 19.98 -6.72 -0.63
C ILE A 129 19.02 -7.48 -1.53
N LYS A 130 18.19 -8.32 -0.94
CA LYS A 130 17.22 -9.11 -1.70
C LYS A 130 16.29 -8.21 -2.51
N TYR A 131 15.79 -7.15 -1.88
CA TYR A 131 14.93 -6.21 -2.58
C TYR A 131 15.60 -5.65 -3.86
N TYR A 132 16.84 -5.19 -3.74
CA TYR A 132 17.49 -4.54 -4.88
C TYR A 132 17.89 -5.55 -5.96
N ASN A 133 18.18 -6.79 -5.56
CA ASN A 133 18.34 -7.85 -6.52
C ASN A 133 17.05 -8.13 -7.27
N ASN A 134 15.94 -8.14 -6.54
CA ASN A 134 14.64 -8.38 -7.16
C ASN A 134 14.38 -7.32 -8.23
N LEU A 135 14.63 -6.06 -7.88
CA LEU A 135 14.36 -4.96 -8.80
C LEU A 135 15.31 -5.03 -10.00
N ILE A 136 16.59 -5.16 -9.72
CA ILE A 136 17.59 -5.34 -10.77
C ILE A 136 17.24 -6.49 -11.73
N ASN A 137 16.93 -7.66 -11.18
CA ASN A 137 16.59 -8.79 -12.03
C ASN A 137 15.31 -8.56 -12.81
N GLU A 138 14.32 -7.93 -12.19
CA GLU A 138 13.08 -7.58 -12.89
C GLU A 138 13.35 -6.67 -14.06
N LEU A 139 14.22 -5.69 -13.87
CA LEU A 139 14.57 -4.73 -14.92
C LEU A 139 15.25 -5.44 -16.08
N LEU A 140 16.27 -6.23 -15.78
CA LEU A 140 17.04 -6.90 -16.83
C LEU A 140 16.18 -7.91 -17.60
N SER A 141 15.34 -8.66 -16.89
CA SER A 141 14.42 -9.61 -17.53
C SER A 141 13.53 -8.94 -18.57
N LYS A 142 13.39 -7.62 -18.51
CA LYS A 142 12.60 -6.90 -19.50
C LYS A 142 13.45 -6.01 -20.42
N GLY A 143 14.78 -6.17 -20.34
CA GLY A 143 15.70 -5.46 -21.20
C GLY A 143 15.89 -3.99 -20.88
N VAL A 144 15.73 -3.62 -19.61
CA VAL A 144 15.93 -2.25 -19.18
C VAL A 144 17.22 -2.18 -18.36
N GLN A 145 18.13 -1.28 -18.75
CA GLN A 145 19.42 -1.10 -18.07
C GLN A 145 19.25 -0.34 -16.76
N PRO A 146 19.77 -0.90 -15.66
CA PRO A 146 19.78 -0.19 -14.39
C PRO A 146 20.98 0.78 -14.26
N PHE A 147 20.69 2.05 -13.97
CA PHE A 147 21.71 3.04 -13.60
C PHE A 147 21.45 3.36 -12.15
N ILE A 148 22.42 3.11 -11.28
CA ILE A 148 22.17 3.23 -9.85
C ILE A 148 22.90 4.40 -9.21
N THR A 149 22.13 5.21 -8.48
CA THR A 149 22.64 6.26 -7.62
C THR A 149 22.85 5.71 -6.20
N LEU A 150 24.05 5.89 -5.67
CA LEU A 150 24.37 5.43 -4.30
C LEU A 150 23.78 6.31 -3.20
N PHE A 151 23.86 7.62 -3.40
CA PHE A 151 23.37 8.55 -2.41
C PHE A 151 22.41 9.56 -2.98
N HIS A 152 21.14 9.42 -2.61
CA HIS A 152 20.15 10.39 -3.01
C HIS A 152 19.47 10.98 -1.77
N TRP A 153 20.32 11.49 -0.88
CA TRP A 153 19.94 12.31 0.30
C TRP A 153 19.49 11.56 1.55
N ASP A 154 19.10 10.30 1.40
CA ASP A 154 18.63 9.52 2.55
C ASP A 154 19.80 9.04 3.42
N SER A 155 20.50 10.00 4.01
CA SER A 155 21.63 9.75 4.88
C SER A 155 21.19 9.11 6.21
N PRO A 156 21.95 8.10 6.69
CA PRO A 156 21.62 7.39 7.93
C PRO A 156 21.53 8.30 9.15
N GLN A 157 20.42 8.19 9.85
CA GLN A 157 20.25 8.88 11.13
C GLN A 157 21.33 8.46 12.14
N ALA A 158 21.66 7.16 12.15
CA ALA A 158 22.65 6.66 13.10
C ALA A 158 23.99 7.37 12.97
N LEU A 159 24.38 7.71 11.74
CA LEU A 159 25.61 8.46 11.52
C LEU A 159 25.45 9.95 11.82
N GLU A 160 24.23 10.46 11.65
CA GLU A 160 23.92 11.83 12.05
C GLU A 160 24.08 12.00 13.56
N ASP A 161 23.47 11.08 14.33
CA ASP A 161 23.59 11.03 15.80
C ASP A 161 25.03 10.80 16.23
N LYS A 162 25.75 9.93 15.51
CA LYS A 162 27.09 9.56 15.91
C LYS A 162 28.15 10.65 15.71
N TYR A 163 28.16 11.28 14.53
CA TYR A 163 29.17 12.31 14.26
C TYR A 163 28.74 13.44 13.32
N ASN A 164 27.43 13.71 13.27
CA ASN A 164 26.89 14.78 12.42
C ASN A 164 27.08 14.52 10.92
N GLY A 165 26.99 13.25 10.54
CA GLY A 165 26.96 12.83 9.15
C GLY A 165 28.06 13.39 8.28
N PHE A 166 27.66 14.16 7.26
CA PHE A 166 28.63 14.65 6.28
C PHE A 166 29.50 15.78 6.80
N LEU A 167 29.19 16.28 8.00
CA LEU A 167 30.05 17.27 8.64
C LEU A 167 31.35 16.69 9.19
N SER A 168 31.40 15.36 9.37
CA SER A 168 32.63 14.71 9.84
C SER A 168 33.30 13.92 8.73
N PRO A 169 34.64 13.93 8.70
CA PRO A 169 35.42 13.14 7.74
C PRO A 169 35.22 11.62 7.89
N ASN A 170 34.64 11.18 9.00
CA ASN A 170 34.32 9.75 9.14
C ASN A 170 33.30 9.25 8.13
N ILE A 171 32.50 10.17 7.60
CA ILE A 171 31.51 9.82 6.57
C ILE A 171 32.17 9.12 5.37
N ILE A 172 33.41 9.50 5.07
CA ILE A 172 34.11 9.00 3.89
C ILE A 172 34.23 7.47 3.92
N ASN A 173 34.82 6.92 4.97
CA ASN A 173 35.00 5.47 5.03
C ASN A 173 33.72 4.67 5.15
N ASP A 174 32.75 5.20 5.90
CA ASP A 174 31.43 4.59 5.96
C ASP A 174 30.76 4.57 4.58
N PHE A 175 30.81 5.69 3.85
CA PHE A 175 30.28 5.72 2.50
C PHE A 175 31.00 4.75 1.58
N LYS A 176 32.32 4.73 1.68
CA LYS A 176 33.15 3.81 0.90
C LYS A 176 32.76 2.36 1.13
N ASP A 177 32.62 1.97 2.39
CA ASP A 177 32.17 0.60 2.75
C ASP A 177 30.77 0.28 2.19
N TYR A 178 29.88 1.25 2.23
CA TYR A 178 28.53 1.06 1.70
C TYR A 178 28.56 0.87 0.17
N ALA A 179 29.34 1.71 -0.53
CA ALA A 179 29.49 1.57 -1.97
C ALA A 179 30.04 0.20 -2.32
N GLU A 180 31.01 -0.25 -1.52
CA GLU A 180 31.67 -1.52 -1.78
C GLU A 180 30.73 -2.71 -1.67
N ILE A 181 29.91 -2.74 -0.63
CA ILE A 181 28.88 -3.76 -0.54
C ILE A 181 28.00 -3.73 -1.80
N CYS A 182 27.64 -2.53 -2.27
CA CYS A 182 26.86 -2.44 -3.51
C CYS A 182 27.57 -3.00 -4.74
N PHE A 183 28.86 -2.72 -4.90
CA PHE A 183 29.63 -3.26 -6.01
C PHE A 183 29.75 -4.78 -5.93
N LYS A 184 29.96 -5.32 -4.73
CA LYS A 184 30.05 -6.75 -4.52
C LYS A 184 28.72 -7.45 -4.83
N GLU A 185 27.62 -6.90 -4.31
CA GLU A 185 26.31 -7.56 -4.40
C GLU A 185 25.66 -7.39 -5.77
N PHE A 186 25.91 -6.27 -6.43
CA PHE A 186 25.12 -5.92 -7.61
C PHE A 186 25.94 -5.70 -8.87
N GLY A 187 27.24 -5.43 -8.70
CA GLY A 187 28.12 -5.07 -9.82
C GLY A 187 28.32 -6.10 -10.92
N ASP A 188 27.94 -7.35 -10.68
CA ASP A 188 27.91 -8.35 -11.75
C ASP A 188 26.87 -7.99 -12.82
N ARG A 189 25.81 -7.29 -12.42
CA ARG A 189 24.73 -6.89 -13.34
C ARG A 189 24.65 -5.39 -13.57
N VAL A 190 25.01 -4.58 -12.56
CA VAL A 190 24.93 -3.12 -12.70
C VAL A 190 26.23 -2.56 -13.27
N LYS A 191 26.13 -1.87 -14.38
CA LYS A 191 27.32 -1.41 -15.11
C LYS A 191 27.40 0.11 -15.11
N ASN A 192 26.43 0.76 -14.45
CA ASN A 192 26.36 2.21 -14.42
C ASN A 192 26.06 2.75 -13.03
N TRP A 193 27.04 3.46 -12.47
CA TRP A 193 27.01 3.86 -11.09
C TRP A 193 27.12 5.37 -10.98
N ILE A 194 26.29 5.94 -10.12
CA ILE A 194 26.38 7.35 -9.76
C ILE A 194 26.58 7.41 -8.25
N THR A 195 27.63 8.10 -7.81
CA THR A 195 27.89 8.20 -6.38
C THR A 195 26.86 9.09 -5.70
N PHE A 196 26.89 10.39 -6.01
CA PHE A 196 26.01 11.36 -5.39
C PHE A 196 25.07 12.03 -6.38
N ASN A 197 23.85 12.25 -5.92
CA ASN A 197 22.90 13.02 -6.69
C ASN A 197 22.79 14.46 -6.18
N GLU A 198 22.90 15.43 -7.10
CA GLU A 198 22.84 16.86 -6.78
C GLU A 198 23.41 17.22 -5.40
N PRO A 199 24.73 17.07 -5.20
CA PRO A 199 25.34 17.57 -3.95
C PRO A 199 25.05 19.06 -3.69
N TRP A 200 24.82 19.85 -4.74
CA TRP A 200 24.48 21.26 -4.54
C TRP A 200 23.23 21.45 -3.71
N THR A 201 22.19 20.70 -4.07
CA THR A 201 20.89 20.80 -3.42
C THR A 201 21.02 20.27 -2.01
N PHE A 202 21.67 19.13 -1.86
CA PHE A 202 21.88 18.57 -0.54
C PHE A 202 22.60 19.55 0.40
N CYS A 203 23.67 20.18 -0.07
CA CYS A 203 24.45 21.04 0.79
C CYS A 203 23.81 22.39 1.03
N SER A 204 23.22 22.99 0.01
CA SER A 204 22.61 24.31 0.17
C SER A 204 21.33 24.22 0.99
N ASN A 205 20.46 23.28 0.67
CA ASN A 205 19.20 23.13 1.41
C ASN A 205 19.34 22.45 2.76
N GLY A 206 20.34 21.60 2.89
CA GLY A 206 20.55 20.88 4.13
C GLY A 206 21.33 21.65 5.16
N TYR A 207 22.16 22.60 4.70
CA TYR A 207 23.10 23.27 5.60
C TYR A 207 23.16 24.81 5.51
N ALA A 208 22.58 25.38 4.47
CA ALA A 208 22.57 26.84 4.33
C ALA A 208 21.20 27.40 4.61
N THR A 209 20.18 26.86 3.96
CA THR A 209 18.80 27.30 4.20
C THR A 209 18.13 26.49 5.32
N GLY A 210 18.59 25.27 5.55
CA GLY A 210 17.95 24.35 6.49
C GLY A 210 16.52 23.96 6.15
N LEU A 211 16.11 24.14 4.90
CA LEU A 211 14.77 23.77 4.45
C LEU A 211 14.62 22.25 4.17
N PHE A 212 15.76 21.58 4.00
CA PHE A 212 15.79 20.14 3.73
C PHE A 212 16.54 19.48 4.86
N ALA A 213 16.25 18.20 5.11
CA ALA A 213 17.05 17.37 5.99
C ALA A 213 18.53 17.54 5.62
N PRO A 214 19.42 17.58 6.65
CA PRO A 214 19.13 17.41 8.08
C PRO A 214 18.62 18.66 8.78
N GLY A 215 18.24 19.69 8.03
CA GLY A 215 17.60 20.88 8.57
C GLY A 215 18.51 21.68 9.47
N ARG A 216 19.67 22.04 8.96
CA ARG A 216 20.63 22.87 9.66
C ARG A 216 20.84 24.19 8.96
N CYS A 217 21.03 25.24 9.75
CA CYS A 217 21.23 26.59 9.23
C CYS A 217 21.64 27.52 10.34
N SER A 218 22.16 28.69 9.97
CA SER A 218 22.35 29.77 10.91
C SER A 218 20.97 30.23 11.42
N PRO A 219 20.88 30.62 12.70
CA PRO A 219 19.58 30.94 13.30
C PRO A 219 18.75 31.99 12.57
N TRP A 220 19.37 32.91 11.84
CA TRP A 220 18.61 33.94 11.11
C TRP A 220 18.17 33.52 9.71
N GLU A 221 18.66 32.37 9.24
CA GLU A 221 18.34 31.91 7.88
C GLU A 221 16.92 31.38 7.78
N LYS A 222 16.45 31.16 6.54
CA LYS A 222 15.05 30.80 6.27
C LYS A 222 14.48 29.69 7.14
N GLY A 223 15.27 28.65 7.36
CA GLY A 223 14.82 27.46 8.10
C GLY A 223 14.67 27.65 9.60
N ASN A 224 15.28 28.71 10.14
CA ASN A 224 15.15 29.07 11.54
C ASN A 224 15.53 27.86 12.43
N CYS A 225 16.70 27.30 12.17
CA CYS A 225 17.09 26.01 12.74
C CYS A 225 17.72 26.15 14.12
N SER A 226 17.64 25.09 14.90
CA SER A 226 18.17 25.12 16.26
C SER A 226 19.69 25.00 16.29
N VAL A 227 20.29 24.37 15.29
CA VAL A 227 21.74 24.33 15.15
C VAL A 227 22.18 24.56 13.71
N GLY A 228 23.44 24.94 13.54
CA GLY A 228 24.03 25.12 12.22
C GLY A 228 24.90 26.36 12.04
N ASP A 229 25.45 26.47 10.83
CA ASP A 229 26.27 27.60 10.41
C ASP A 229 26.29 27.67 8.88
N SER A 230 25.39 28.49 8.33
CA SER A 230 25.20 28.64 6.89
C SER A 230 26.43 29.09 6.11
N GLY A 231 27.46 29.54 6.81
CA GLY A 231 28.66 30.07 6.16
C GLY A 231 29.83 29.11 6.13
N ARG A 232 29.70 27.99 6.82
CA ARG A 232 30.79 27.00 6.90
C ARG A 232 30.33 25.61 6.57
N GLU A 233 29.18 25.22 7.12
CA GLU A 233 28.70 23.85 7.04
C GLU A 233 28.38 23.37 5.63
N PRO A 234 27.77 24.24 4.79
CA PRO A 234 27.56 23.82 3.42
C PRO A 234 28.86 23.46 2.71
N TYR A 235 29.94 24.15 3.03
CA TYR A 235 31.24 23.90 2.42
C TYR A 235 31.92 22.65 2.96
N THR A 236 31.81 22.44 4.27
CA THR A 236 32.35 21.25 4.91
C THR A 236 31.68 19.98 4.39
N ALA A 237 30.35 20.02 4.31
CA ALA A 237 29.55 18.88 3.89
C ALA A 237 29.88 18.48 2.45
N CYS A 238 29.93 19.47 1.57
CA CYS A 238 30.19 19.21 0.17
C CYS A 238 31.64 18.83 -0.14
N HIS A 239 32.58 19.36 0.64
CA HIS A 239 33.97 18.94 0.57
C HIS A 239 34.09 17.46 0.89
N HIS A 240 33.37 17.03 1.92
CA HIS A 240 33.35 15.62 2.30
C HIS A 240 32.68 14.75 1.23
N GLN A 241 31.62 15.27 0.57
CA GLN A 241 30.94 14.54 -0.52
C GLN A 241 31.89 14.30 -1.71
N LEU A 242 32.61 15.35 -2.10
CA LEU A 242 33.63 15.25 -3.14
C LEU A 242 34.70 14.20 -2.84
N LEU A 243 35.18 14.19 -1.60
CA LEU A 243 36.22 13.26 -1.18
C LEU A 243 35.69 11.84 -1.10
N ALA A 244 34.44 11.70 -0.68
CA ALA A 244 33.81 10.38 -0.63
C ALA A 244 33.64 9.88 -2.05
N HIS A 245 33.21 10.78 -2.94
CA HIS A 245 33.09 10.42 -4.34
C HIS A 245 34.41 9.94 -4.95
N ALA A 246 35.43 10.79 -4.91
CA ALA A 246 36.76 10.44 -5.47
C ALA A 246 37.33 9.15 -4.88
N GLU A 247 37.18 8.98 -3.56
CA GLU A 247 37.64 7.80 -2.85
C GLU A 247 36.94 6.54 -3.34
N THR A 248 35.65 6.69 -3.61
CA THR A 248 34.81 5.61 -4.12
C THR A 248 35.15 5.27 -5.56
N VAL A 249 35.36 6.31 -6.37
CA VAL A 249 35.79 6.13 -7.75
C VAL A 249 37.11 5.35 -7.79
N ARG A 250 38.08 5.79 -7.00
CA ARG A 250 39.36 5.10 -6.91
C ARG A 250 39.14 3.64 -6.52
N LEU A 251 38.31 3.40 -5.51
CA LEU A 251 38.02 2.03 -5.08
C LEU A 251 37.42 1.19 -6.20
N TYR A 252 36.39 1.70 -6.86
CA TYR A 252 35.77 1.03 -8.00
C TYR A 252 36.79 0.68 -9.10
N LYS A 253 37.59 1.66 -9.51
CA LYS A 253 38.62 1.49 -10.55
C LYS A 253 39.73 0.53 -10.17
N ALA A 254 39.96 0.37 -8.86
CA ALA A 254 41.06 -0.46 -8.39
C ALA A 254 40.69 -1.93 -8.17
N LYS A 255 39.43 -2.19 -7.82
CA LYS A 255 39.04 -3.54 -7.44
C LYS A 255 37.88 -4.13 -8.24
N TYR A 256 37.12 -3.28 -8.91
CA TYR A 256 35.87 -3.77 -9.50
C TYR A 256 35.78 -3.59 -11.00
N GLN A 257 36.35 -2.50 -11.51
CA GLN A 257 36.17 -2.12 -12.90
C GLN A 257 36.78 -3.14 -13.88
N ALA A 258 37.89 -3.77 -13.49
CA ALA A 258 38.52 -4.77 -14.34
C ALA A 258 37.57 -5.91 -14.65
N LEU A 259 36.99 -6.52 -13.61
CA LEU A 259 36.16 -7.72 -13.81
C LEU A 259 34.66 -7.43 -13.99
N GLN A 260 34.26 -6.18 -13.76
CA GLN A 260 32.85 -5.81 -13.91
C GLN A 260 32.59 -4.86 -15.09
N LYS A 261 33.62 -4.09 -15.45
CA LYS A 261 33.58 -3.23 -16.64
C LYS A 261 32.38 -2.26 -16.69
N GLY A 262 32.04 -1.69 -15.54
CA GLY A 262 31.03 -0.66 -15.50
C GLY A 262 31.65 0.72 -15.52
N LYS A 263 30.80 1.74 -15.64
CA LYS A 263 31.20 3.13 -15.58
C LYS A 263 30.73 3.74 -14.25
N ILE A 264 31.53 4.65 -13.70
CA ILE A 264 31.15 5.34 -12.48
C ILE A 264 31.22 6.87 -12.65
N GLY A 265 30.18 7.55 -12.17
CA GLY A 265 30.10 9.00 -12.27
C GLY A 265 29.43 9.69 -11.08
N ILE A 266 28.99 10.91 -11.32
CA ILE A 266 28.32 11.73 -10.30
C ILE A 266 27.29 12.63 -11.01
N THR A 267 26.19 12.92 -10.33
CA THR A 267 25.13 13.75 -10.89
C THR A 267 25.19 15.15 -10.29
N LEU A 268 25.22 16.15 -11.16
CA LEU A 268 25.28 17.54 -10.75
C LEU A 268 24.14 18.33 -11.35
N VAL A 269 23.56 19.24 -10.57
CA VAL A 269 22.53 20.10 -11.08
C VAL A 269 23.06 21.50 -11.38
N SER A 270 22.57 22.08 -12.47
CA SER A 270 22.84 23.47 -12.77
C SER A 270 21.63 24.13 -13.41
N HIS A 271 21.41 25.39 -13.04
CA HIS A 271 20.50 26.22 -13.79
C HIS A 271 21.27 26.90 -14.89
N TRP A 272 20.55 27.49 -15.83
CA TRP A 272 21.20 28.42 -16.74
C TRP A 272 21.04 29.84 -16.21
N PHE A 273 22.12 30.62 -16.25
CA PHE A 273 22.08 31.97 -15.73
C PHE A 273 22.17 33.03 -16.83
N VAL A 274 21.08 33.75 -17.02
CA VAL A 274 21.02 34.87 -17.94
C VAL A 274 21.38 36.15 -17.19
N PRO A 275 22.36 36.92 -17.70
CA PRO A 275 22.70 38.20 -17.08
C PRO A 275 21.46 39.10 -17.00
N PHE A 276 21.24 39.71 -15.85
CA PHE A 276 20.07 40.54 -15.61
C PHE A 276 19.94 41.70 -16.60
N SER A 277 21.08 42.19 -17.07
CA SER A 277 21.14 43.17 -18.17
C SER A 277 22.45 42.99 -18.90
N ARG A 278 22.64 43.76 -19.97
CA ARG A 278 23.83 43.64 -20.81
C ARG A 278 25.13 44.18 -20.19
N SER A 279 25.05 44.79 -19.01
CA SER A 279 26.24 45.27 -18.32
C SER A 279 27.27 44.14 -18.12
N LYS A 280 28.53 44.50 -17.98
CA LYS A 280 29.56 43.50 -17.76
C LYS A 280 29.51 42.93 -16.34
N SER A 281 29.11 43.75 -15.37
CA SER A 281 29.02 43.26 -14.00
C SER A 281 27.94 42.19 -13.83
N ASN A 282 26.83 42.33 -14.57
CA ASN A 282 25.77 41.31 -14.60
C ASN A 282 26.18 40.03 -15.33
N ASN A 283 27.03 40.17 -16.34
CA ASN A 283 27.62 39.01 -17.01
C ASN A 283 28.57 38.28 -16.09
N ASP A 284 29.33 39.03 -15.31
CA ASP A 284 30.23 38.44 -14.33
C ASP A 284 29.45 37.80 -13.17
N ALA A 285 28.29 38.36 -12.85
CA ALA A 285 27.41 37.80 -11.82
C ALA A 285 26.90 36.42 -12.22
N ALA A 286 26.44 36.32 -13.47
CA ALA A 286 25.99 35.05 -14.05
C ALA A 286 27.07 33.99 -13.98
N LYS A 287 28.30 34.39 -14.30
CA LYS A 287 29.46 33.52 -14.24
C LYS A 287 29.74 33.09 -12.81
N ARG A 288 29.57 33.99 -11.86
CA ARG A 288 29.75 33.63 -10.46
C ARG A 288 28.65 32.68 -9.98
N ALA A 289 27.43 32.92 -10.43
CA ALA A 289 26.30 32.06 -10.09
C ALA A 289 26.57 30.60 -10.51
N ILE A 290 27.01 30.40 -11.75
CA ILE A 290 27.33 29.07 -12.25
C ILE A 290 28.60 28.46 -11.64
N ASP A 291 29.59 29.30 -11.33
CA ASP A 291 30.76 28.85 -10.56
C ASP A 291 30.35 28.28 -9.21
N PHE A 292 29.44 28.96 -8.53
CA PHE A 292 29.04 28.60 -7.17
C PHE A 292 28.10 27.41 -7.07
N MET A 293 27.27 27.22 -8.10
CA MET A 293 26.32 26.13 -8.14
C MET A 293 26.96 24.90 -8.78
N PHE A 294 27.60 25.12 -9.92
CA PHE A 294 28.03 24.02 -10.78
C PHE A 294 29.55 23.81 -10.69
N GLY A 295 30.31 24.89 -10.86
CA GLY A 295 31.77 24.82 -10.80
C GLY A 295 32.31 24.31 -9.47
N TRP A 296 31.57 24.60 -8.39
CA TRP A 296 31.81 24.08 -7.05
C TRP A 296 32.23 22.62 -7.11
N PHE A 297 31.64 21.86 -8.03
CA PHE A 297 31.94 20.44 -8.17
C PHE A 297 32.72 20.12 -9.44
N MET A 298 32.40 20.82 -10.53
CA MET A 298 33.09 20.62 -11.81
C MET A 298 34.57 21.01 -11.85
N ASP A 299 34.91 22.18 -11.33
CA ASP A 299 36.31 22.62 -11.27
C ASP A 299 37.20 21.60 -10.52
N PRO A 300 36.81 21.19 -9.30
CA PRO A 300 37.60 20.14 -8.66
C PRO A 300 37.79 18.86 -9.49
N LEU A 301 36.75 18.45 -10.22
CA LEU A 301 36.81 17.20 -10.99
C LEU A 301 37.63 17.30 -12.27
N ILE A 302 37.61 18.47 -12.89
CA ILE A 302 38.34 18.71 -14.13
C ILE A 302 39.74 19.28 -13.86
N ARG A 303 39.83 20.31 -13.03
CA ARG A 303 41.08 21.06 -12.77
C ARG A 303 41.78 20.73 -11.44
N GLY A 304 41.11 20.01 -10.55
CA GLY A 304 41.73 19.67 -9.25
C GLY A 304 41.57 20.69 -8.13
N ASP A 305 40.85 21.78 -8.38
CA ASP A 305 40.62 22.77 -7.35
C ASP A 305 39.26 23.43 -7.48
N TYR A 306 38.80 24.09 -6.41
CA TYR A 306 37.59 24.88 -6.45
C TYR A 306 37.74 26.07 -7.40
N PRO A 307 36.61 26.63 -7.89
CA PRO A 307 36.72 27.81 -8.74
C PRO A 307 37.40 28.98 -8.02
N LEU A 308 38.21 29.74 -8.79
CA LEU A 308 38.95 30.89 -8.29
C LEU A 308 38.06 31.87 -7.54
N SER A 309 36.92 32.18 -8.15
CA SER A 309 35.96 33.09 -7.56
C SER A 309 35.45 32.63 -6.19
N MET A 310 35.28 31.32 -6.01
CA MET A 310 34.88 30.78 -4.71
C MET A 310 36.01 30.91 -3.70
N ARG A 311 37.23 30.60 -4.11
CA ARG A 311 38.38 30.69 -3.23
C ARG A 311 38.64 32.15 -2.84
N GLY A 312 38.41 33.06 -3.79
CA GLY A 312 38.57 34.48 -3.58
C GLY A 312 37.55 35.03 -2.61
N LEU A 313 36.28 34.82 -2.93
CA LEU A 313 35.17 35.40 -2.17
C LEU A 313 34.85 34.70 -0.84
N VAL A 314 35.34 33.48 -0.64
CA VAL A 314 34.95 32.68 0.53
C VAL A 314 36.13 32.44 1.49
N GLY A 315 37.35 32.53 0.96
CA GLY A 315 38.57 32.43 1.75
C GLY A 315 38.60 31.21 2.65
N ASN A 316 38.89 31.43 3.93
CA ASN A 316 39.11 30.32 4.85
C ASN A 316 37.87 29.51 5.24
N ARG A 317 36.69 29.96 4.85
CA ARG A 317 35.45 29.19 5.07
C ARG A 317 35.31 28.03 4.07
N LEU A 318 36.04 28.12 2.95
CA LEU A 318 36.13 27.06 1.97
C LEU A 318 37.34 26.17 2.30
N PRO A 319 37.09 24.89 2.61
CA PRO A 319 38.18 23.98 2.95
C PRO A 319 39.14 23.83 1.79
N GLN A 320 40.34 23.34 2.07
CA GLN A 320 41.37 23.23 1.06
C GLN A 320 41.79 21.81 0.80
N PHE A 321 41.89 21.45 -0.48
CA PHE A 321 42.45 20.16 -0.85
C PHE A 321 43.92 20.13 -0.57
N THR A 322 44.39 19.01 -0.02
CA THR A 322 45.82 18.71 0.01
C THR A 322 46.20 18.33 -1.42
N LYS A 323 47.50 18.21 -1.72
CA LYS A 323 47.91 17.87 -3.08
C LYS A 323 47.56 16.43 -3.46
N GLU A 324 47.64 15.53 -2.49
CA GLU A 324 47.15 14.17 -2.62
C GLU A 324 45.69 14.21 -3.03
N GLN A 325 44.88 14.92 -2.25
CA GLN A 325 43.43 15.01 -2.45
C GLN A 325 43.06 15.67 -3.78
N SER A 326 43.85 16.66 -4.18
CA SER A 326 43.65 17.36 -5.44
C SER A 326 43.88 16.42 -6.62
N LYS A 327 44.90 15.60 -6.49
CA LYS A 327 45.26 14.60 -7.48
C LYS A 327 44.16 13.52 -7.62
N LEU A 328 43.57 13.16 -6.48
CA LEU A 328 42.54 12.14 -6.41
C LEU A 328 41.23 12.58 -7.06
N VAL A 329 40.80 13.80 -6.74
CA VAL A 329 39.54 14.34 -7.24
C VAL A 329 39.60 14.67 -8.74
N LYS A 330 40.73 15.20 -9.20
CA LYS A 330 40.88 15.53 -10.60
C LYS A 330 40.80 14.26 -11.44
N GLY A 331 39.93 14.30 -12.44
CA GLY A 331 39.74 13.17 -13.34
C GLY A 331 38.97 11.99 -12.76
N ALA A 332 38.42 12.16 -11.55
CA ALA A 332 37.73 11.06 -10.87
C ALA A 332 36.29 10.84 -11.36
N PHE A 333 36.14 10.41 -12.60
CA PHE A 333 34.81 10.13 -13.16
C PHE A 333 34.97 9.50 -14.52
N ASP A 334 33.95 8.76 -14.95
CA ASP A 334 33.89 8.23 -16.31
C ASP A 334 32.85 9.02 -17.10
N PHE A 335 31.86 9.54 -16.40
CA PHE A 335 30.87 10.44 -16.99
C PHE A 335 30.41 11.39 -15.92
N ILE A 336 29.69 12.41 -16.34
CA ILE A 336 29.00 13.31 -15.44
C ILE A 336 27.54 13.31 -15.82
N GLY A 337 26.72 13.02 -14.82
CA GLY A 337 25.28 13.18 -14.95
C GLY A 337 24.94 14.65 -14.72
N LEU A 338 24.06 15.18 -15.56
CA LEU A 338 23.67 16.56 -15.49
C LEU A 338 22.17 16.68 -15.28
N ASN A 339 21.75 17.40 -14.24
CA ASN A 339 20.34 17.70 -14.02
C ASN A 339 20.05 19.12 -14.47
N TYR A 340 19.02 19.28 -15.29
CA TYR A 340 18.58 20.59 -15.74
C TYR A 340 17.07 20.75 -15.66
N TYR A 341 16.65 21.88 -15.12
CA TYR A 341 15.24 22.16 -14.96
C TYR A 341 14.84 23.53 -15.48
N THR A 342 15.66 24.54 -15.21
CA THR A 342 15.23 25.91 -15.31
C THR A 342 16.40 26.90 -15.49
N ALA A 343 16.06 28.18 -15.61
CA ALA A 343 17.04 29.25 -15.67
C ALA A 343 16.67 30.39 -14.72
N ASN A 344 17.66 31.17 -14.29
CA ASN A 344 17.43 32.39 -13.51
C ASN A 344 18.11 33.61 -14.15
N TYR A 345 17.63 34.78 -13.81
CA TYR A 345 18.41 35.99 -14.06
C TYR A 345 19.42 36.13 -12.95
N ALA A 346 20.62 36.53 -13.32
CA ALA A 346 21.68 36.76 -12.35
C ALA A 346 22.02 38.24 -12.32
N ASP A 347 21.96 38.82 -11.12
CA ASP A 347 22.15 40.25 -10.93
C ASP A 347 23.23 40.48 -9.87
N ASN A 348 24.13 41.41 -10.14
CA ASN A 348 25.22 41.71 -9.20
C ASN A 348 24.70 42.21 -7.85
N LEU A 349 25.26 41.64 -6.78
CA LEU A 349 24.93 42.01 -5.41
C LEU A 349 26.14 42.66 -4.75
N PRO A 350 25.93 43.81 -4.08
CA PRO A 350 27.01 44.38 -3.27
C PRO A 350 27.25 43.48 -2.06
N PRO A 351 28.50 43.42 -1.55
CA PRO A 351 28.71 42.70 -0.28
C PRO A 351 27.85 43.25 0.87
N SER A 352 27.72 42.44 1.92
CA SER A 352 26.61 42.53 2.91
C SER A 352 26.88 42.87 4.40
N ASN A 353 27.95 42.45 5.09
CA ASN A 353 28.67 41.19 5.04
C ASN A 353 29.41 41.11 6.40
N GLY A 354 30.22 40.07 6.59
CA GLY A 354 31.07 39.95 7.77
C GLY A 354 30.43 39.14 8.88
N LEU A 355 29.16 39.42 9.17
CA LEU A 355 28.44 38.71 10.23
C LEU A 355 27.31 37.86 9.70
N ASN A 356 26.88 38.18 8.48
CA ASN A 356 25.77 37.51 7.85
C ASN A 356 26.17 36.55 6.74
N ASN A 357 27.42 36.09 6.76
CA ASN A 357 27.91 35.21 5.71
C ASN A 357 27.13 33.91 5.59
N SER A 358 26.65 33.65 4.38
CA SER A 358 25.91 32.43 4.07
C SER A 358 26.28 31.96 2.67
N TYR A 359 26.31 30.65 2.46
CA TYR A 359 26.47 30.11 1.11
C TYR A 359 25.51 30.77 0.10
N THR A 360 24.28 31.04 0.54
CA THR A 360 23.25 31.59 -0.33
C THR A 360 23.64 32.95 -0.94
N THR A 361 24.41 33.75 -0.21
CA THR A 361 24.79 35.07 -0.71
C THR A 361 26.27 35.17 -1.09
N ASP A 362 27.04 34.12 -0.79
CA ASP A 362 28.49 34.14 -1.01
C ASP A 362 28.94 34.41 -2.45
N SER A 363 28.10 34.06 -3.41
CA SER A 363 28.40 34.28 -4.82
C SER A 363 28.27 35.75 -5.22
N ARG A 364 27.75 36.59 -4.32
CA ARG A 364 27.45 38.00 -4.59
C ARG A 364 26.60 38.15 -5.84
N ALA A 365 25.68 37.22 -6.03
CA ALA A 365 24.74 37.27 -7.14
C ALA A 365 23.32 37.14 -6.63
N ASN A 366 22.41 37.85 -7.28
CA ASN A 366 21.00 37.85 -6.92
C ASN A 366 20.22 37.13 -8.00
N LEU A 367 19.55 36.04 -7.64
CA LEU A 367 18.88 35.22 -8.61
C LEU A 367 17.37 35.39 -8.53
N THR A 368 16.76 35.79 -9.63
CA THR A 368 15.32 35.93 -9.75
C THR A 368 14.83 35.19 -10.97
N GLY A 369 13.53 34.92 -11.03
CA GLY A 369 12.92 34.32 -12.21
C GLY A 369 12.13 35.36 -12.97
N VAL A 370 12.08 36.57 -12.43
CA VAL A 370 11.25 37.64 -12.96
C VAL A 370 12.12 38.87 -13.22
N ARG A 371 11.89 39.53 -14.35
CA ARG A 371 12.60 40.75 -14.71
C ARG A 371 11.55 41.75 -15.17
N ASN A 372 11.40 42.84 -14.42
CA ASN A 372 10.40 43.87 -14.72
C ASN A 372 8.99 43.29 -14.84
N GLY A 373 8.62 42.41 -13.92
CA GLY A 373 7.30 41.78 -13.93
C GLY A 373 7.11 40.65 -14.94
N ILE A 374 8.10 40.45 -15.82
CA ILE A 374 8.04 39.39 -16.83
C ILE A 374 8.89 38.19 -16.43
N PRO A 375 8.25 37.04 -16.17
CA PRO A 375 8.97 35.82 -15.82
C PRO A 375 9.85 35.34 -17.00
N ILE A 376 11.05 34.86 -16.69
CA ILE A 376 12.00 34.36 -17.70
C ILE A 376 11.38 33.25 -18.56
N GLY A 377 10.44 32.52 -17.99
CA GLY A 377 9.62 31.54 -18.71
C GLY A 377 8.37 31.27 -17.91
N PRO A 378 7.39 30.58 -18.52
CA PRO A 378 6.19 30.21 -17.75
C PRO A 378 6.51 29.32 -16.54
N GLN A 379 5.85 29.62 -15.44
CA GLN A 379 6.12 28.99 -14.17
C GLN A 379 5.29 27.74 -13.98
N ALA A 380 5.96 26.66 -13.58
CA ALA A 380 5.32 25.39 -13.27
C ALA A 380 4.84 25.40 -11.82
N ALA A 381 4.25 24.29 -11.38
CA ALA A 381 3.74 24.15 -10.02
C ALA A 381 4.77 24.51 -8.93
N SER A 382 6.02 24.08 -9.12
CA SER A 382 7.12 24.45 -8.22
C SER A 382 7.55 25.90 -8.47
N PRO A 383 7.56 26.73 -7.42
CA PRO A 383 7.82 28.18 -7.55
C PRO A 383 9.17 28.47 -8.22
N TRP A 384 10.15 27.61 -7.99
CA TRP A 384 11.50 27.80 -8.51
C TRP A 384 11.66 27.37 -9.98
N LEU A 385 10.64 26.74 -10.54
CA LEU A 385 10.75 26.14 -11.87
C LEU A 385 10.11 26.97 -12.98
N TYR A 386 10.96 27.58 -13.79
CA TYR A 386 10.52 28.31 -14.99
C TYR A 386 10.92 27.57 -16.23
N VAL A 387 9.98 27.44 -17.15
CA VAL A 387 10.20 26.71 -18.40
C VAL A 387 11.04 27.52 -19.39
N TYR A 388 12.27 27.09 -19.57
CA TYR A 388 13.20 27.81 -20.41
C TYR A 388 14.10 26.83 -21.20
N PRO A 389 13.53 26.19 -22.24
CA PRO A 389 14.26 25.19 -23.03
C PRO A 389 15.57 25.68 -23.66
N GLN A 390 15.67 26.96 -23.97
CA GLN A 390 16.89 27.55 -24.53
C GLN A 390 18.12 27.35 -23.62
N GLY A 391 17.88 27.41 -22.30
CA GLY A 391 18.94 27.30 -21.31
C GLY A 391 19.58 25.92 -21.26
N PHE A 392 18.83 24.91 -21.67
CA PHE A 392 19.31 23.53 -21.74
C PHE A 392 20.45 23.44 -22.73
N ARG A 393 20.22 23.95 -23.95
CA ARG A 393 21.25 24.09 -24.98
C ARG A 393 22.44 24.87 -24.46
N ASP A 394 22.19 26.03 -23.87
CA ASP A 394 23.23 26.92 -23.39
C ASP A 394 24.13 26.27 -22.34
N LEU A 395 23.52 25.52 -21.42
CA LEU A 395 24.27 24.86 -20.37
C LEU A 395 25.18 23.77 -20.93
N LEU A 396 24.64 22.97 -21.85
CA LEU A 396 25.41 21.89 -22.47
C LEU A 396 26.61 22.39 -23.30
N LEU A 397 26.46 23.52 -23.97
CA LEU A 397 27.56 24.10 -24.73
C LEU A 397 28.60 24.73 -23.81
N TYR A 398 28.13 25.31 -22.70
CA TYR A 398 29.02 25.88 -21.71
C TYR A 398 29.91 24.77 -21.13
N VAL A 399 29.33 23.60 -20.90
CA VAL A 399 30.09 22.45 -20.40
C VAL A 399 31.11 21.97 -21.44
N LYS A 400 30.70 21.92 -22.70
CA LYS A 400 31.59 21.58 -23.81
C LYS A 400 32.82 22.50 -23.87
N GLU A 401 32.57 23.80 -23.82
CA GLU A 401 33.63 24.80 -24.02
C GLU A 401 34.51 25.05 -22.80
N ASN A 402 33.94 24.99 -21.61
CA ASN A 402 34.70 25.31 -20.42
C ASN A 402 35.29 24.13 -19.67
N TYR A 403 34.84 22.92 -19.98
CA TYR A 403 35.26 21.75 -19.20
C TYR A 403 35.83 20.59 -19.99
N GLY A 404 36.12 20.81 -21.27
CA GLY A 404 36.75 19.79 -22.10
C GLY A 404 35.78 18.77 -22.65
N ASN A 405 34.49 19.12 -22.67
CA ASN A 405 33.44 18.27 -23.27
C ASN A 405 33.42 16.83 -22.71
N PRO A 406 33.23 16.68 -21.39
CA PRO A 406 33.24 15.33 -20.80
C PRO A 406 32.02 14.52 -21.23
N THR A 407 32.08 13.20 -21.06
CA THR A 407 30.92 12.35 -21.32
C THR A 407 29.81 12.75 -20.38
N VAL A 408 28.64 13.01 -20.95
CA VAL A 408 27.51 13.52 -20.20
C VAL A 408 26.25 12.68 -20.41
N TYR A 409 25.57 12.37 -19.32
CA TYR A 409 24.20 11.90 -19.38
C TYR A 409 23.30 12.96 -18.75
N ILE A 410 22.11 13.14 -19.31
CA ILE A 410 21.12 13.97 -18.65
C ILE A 410 20.41 13.05 -17.69
N THR A 411 20.71 13.22 -16.41
CA THR A 411 20.21 12.29 -15.41
C THR A 411 18.85 12.73 -14.86
N GLU A 412 18.51 13.99 -15.02
CA GLU A 412 17.17 14.48 -14.66
C GLU A 412 16.78 15.66 -15.52
N ASN A 413 15.53 15.64 -15.95
CA ASN A 413 14.91 16.74 -16.67
C ASN A 413 13.41 16.51 -16.63
N GLY A 414 12.67 17.53 -16.20
CA GLY A 414 11.21 17.40 -16.10
C GLY A 414 10.52 18.59 -15.52
N VAL A 415 9.21 18.45 -15.27
CA VAL A 415 8.33 19.56 -14.91
C VAL A 415 7.16 19.03 -14.07
N ASP A 416 6.57 19.88 -13.23
CA ASP A 416 5.48 19.44 -12.38
C ASP A 416 4.19 20.25 -12.51
N GLU A 417 3.06 19.59 -12.27
CA GLU A 417 1.77 20.24 -12.18
C GLU A 417 1.26 20.07 -10.75
N PHE A 418 0.29 20.88 -10.34
CA PHE A 418 -0.25 20.80 -8.99
C PHE A 418 -1.04 19.51 -8.74
N ASN A 419 -0.89 18.96 -7.53
CA ASN A 419 -1.79 17.92 -7.06
C ASN A 419 -3.10 18.59 -6.64
N ASN A 420 -4.19 18.19 -7.30
CA ASN A 420 -5.48 18.86 -7.10
C ASN A 420 -6.62 17.87 -6.87
N LYS A 421 -7.04 17.78 -5.62
CA LYS A 421 -8.06 16.82 -5.19
C LYS A 421 -9.43 16.99 -5.86
N THR A 422 -9.67 18.16 -6.47
CA THR A 422 -10.97 18.47 -7.06
C THR A 422 -11.10 18.01 -8.51
N LEU A 423 -9.97 17.80 -9.18
CA LEU A 423 -9.97 17.36 -10.58
C LEU A 423 -10.38 15.91 -10.69
N PRO A 424 -11.38 15.62 -11.56
CA PRO A 424 -11.69 14.24 -11.92
C PRO A 424 -10.47 13.57 -12.56
N LEU A 425 -10.35 12.27 -12.35
CA LEU A 425 -9.18 11.52 -12.77
C LEU A 425 -8.80 11.80 -14.21
N GLN A 426 -9.78 11.75 -15.11
CA GLN A 426 -9.54 11.90 -16.55
C GLN A 426 -8.93 13.25 -16.91
N GLU A 427 -9.26 14.28 -16.12
CA GLU A 427 -8.70 15.62 -16.31
C GLU A 427 -7.27 15.71 -15.83
N ALA A 428 -6.95 15.01 -14.74
CA ALA A 428 -5.61 15.03 -14.17
C ALA A 428 -4.57 14.36 -15.08
N LEU A 429 -5.02 13.45 -15.94
CA LEU A 429 -4.14 12.73 -16.86
C LEU A 429 -3.84 13.52 -18.13
N LYS A 430 -4.52 14.65 -18.32
CA LYS A 430 -4.31 15.53 -19.49
C LYS A 430 -3.18 16.54 -19.26
N ASP A 431 -1.94 16.09 -19.40
CA ASP A 431 -0.79 16.90 -19.05
C ASP A 431 -0.05 17.45 -20.26
N ASP A 432 -0.73 18.28 -21.03
CA ASP A 432 -0.17 18.86 -22.25
C ASP A 432 0.99 19.80 -21.98
N ALA A 433 0.99 20.40 -20.79
CA ALA A 433 2.09 21.22 -20.33
C ALA A 433 3.39 20.38 -20.24
N ARG A 434 3.25 19.15 -19.76
CA ARG A 434 4.38 18.24 -19.67
C ARG A 434 4.89 17.83 -21.06
N ILE A 435 3.97 17.44 -21.94
CA ILE A 435 4.30 17.12 -23.34
C ILE A 435 5.07 18.28 -23.97
N GLU A 436 4.55 19.49 -23.81
CA GLU A 436 5.18 20.69 -24.34
C GLU A 436 6.58 20.87 -23.79
N TYR A 437 6.73 20.67 -22.48
CA TYR A 437 8.02 20.77 -21.82
C TYR A 437 9.04 19.83 -22.44
N TYR A 438 8.67 18.57 -22.61
CA TYR A 438 9.61 17.57 -23.13
C TYR A 438 9.95 17.78 -24.60
N HIS A 439 8.91 18.04 -25.40
CA HIS A 439 9.07 18.35 -26.81
C HIS A 439 10.13 19.44 -27.04
N LYS A 440 9.95 20.61 -26.40
CA LYS A 440 10.91 21.70 -26.51
C LYS A 440 12.29 21.36 -25.98
N HIS A 441 12.34 20.68 -24.83
CA HIS A 441 13.60 20.33 -24.20
C HIS A 441 14.36 19.26 -24.97
N LEU A 442 13.64 18.31 -25.56
CA LEU A 442 14.31 17.31 -26.39
C LEU A 442 14.81 17.91 -27.72
N LEU A 443 14.09 18.88 -28.26
CA LEU A 443 14.55 19.65 -29.42
C LEU A 443 15.79 20.45 -29.09
N SER A 444 15.77 21.08 -27.93
CA SER A 444 16.88 21.89 -27.46
C SER A 444 18.13 21.03 -27.24
N LEU A 445 17.93 19.84 -26.68
CA LEU A 445 19.03 18.88 -26.47
C LEU A 445 19.59 18.36 -27.81
N LEU A 446 18.71 18.12 -28.77
CA LEU A 446 19.11 17.67 -30.08
C LEU A 446 20.00 18.72 -30.76
N SER A 447 19.61 19.98 -30.69
CA SER A 447 20.41 21.03 -31.33
C SER A 447 21.79 21.12 -30.71
N ALA A 448 21.89 20.89 -29.40
CA ALA A 448 23.17 20.90 -28.70
C ALA A 448 24.05 19.72 -29.07
N ILE A 449 23.43 18.56 -29.31
CA ILE A 449 24.15 17.40 -29.81
C ILE A 449 24.62 17.63 -31.25
N ARG A 450 23.80 18.30 -32.06
CA ARG A 450 24.15 18.61 -33.45
C ARG A 450 25.35 19.57 -33.51
N ASP A 451 25.52 20.37 -32.48
CA ASP A 451 26.81 21.01 -32.21
C ASP A 451 27.62 20.00 -31.40
N GLY A 452 28.72 20.36 -30.77
CA GLY A 452 29.60 19.31 -30.25
C GLY A 452 29.23 18.47 -29.03
N ALA A 453 28.10 18.75 -28.39
CA ALA A 453 27.81 18.18 -27.05
C ALA A 453 27.96 16.66 -26.91
N ASN A 454 28.80 16.28 -25.96
CA ASN A 454 29.13 14.87 -25.71
C ASN A 454 28.09 14.19 -24.79
N VAL A 455 26.85 14.14 -25.27
CA VAL A 455 25.74 13.62 -24.48
C VAL A 455 25.34 12.22 -24.97
N LYS A 456 25.30 11.26 -24.06
CA LYS A 456 25.13 9.84 -24.38
C LYS A 456 23.76 9.28 -24.00
N GLY A 457 23.01 10.02 -23.20
CA GLY A 457 21.71 9.57 -22.73
C GLY A 457 20.90 10.66 -22.06
N TYR A 458 19.64 10.35 -21.81
CA TYR A 458 18.69 11.29 -21.24
C TYR A 458 17.70 10.54 -20.35
N PHE A 459 17.50 11.05 -19.13
CA PHE A 459 16.54 10.47 -18.20
C PHE A 459 15.51 11.50 -17.77
N ALA A 460 14.24 11.16 -18.01
CA ALA A 460 13.15 12.02 -17.60
C ALA A 460 12.89 11.89 -16.10
N TRP A 461 12.86 13.02 -15.38
CA TRP A 461 12.30 13.05 -14.05
C TRP A 461 10.79 13.35 -14.10
N SER A 462 9.94 12.41 -13.72
CA SER A 462 10.30 11.10 -13.22
C SER A 462 9.25 10.13 -13.69
N LEU A 463 9.46 8.84 -13.47
CA LEU A 463 8.51 7.83 -13.94
C LEU A 463 7.12 8.01 -13.31
N LEU A 464 7.09 8.24 -12.00
CA LEU A 464 5.86 8.33 -11.25
C LEU A 464 5.83 9.59 -10.43
N ASP A 465 4.61 10.05 -10.12
CA ASP A 465 4.43 11.04 -9.07
C ASP A 465 5.06 10.48 -7.80
N ASN A 466 5.63 11.34 -6.98
CA ASN A 466 6.36 10.88 -5.80
C ASN A 466 6.46 11.94 -4.70
N PHE A 467 7.10 11.59 -3.58
CA PHE A 467 7.33 12.52 -2.50
C PHE A 467 8.36 13.56 -2.93
N GLU A 468 7.86 14.77 -3.16
CA GLU A 468 8.70 15.84 -3.66
C GLU A 468 9.28 16.69 -2.51
N TRP A 469 9.99 16.00 -1.61
CA TRP A 469 10.68 16.64 -0.48
C TRP A 469 9.80 17.65 0.28
N SER A 470 10.28 18.88 0.43
CA SER A 470 9.59 19.87 1.25
C SER A 470 8.24 20.28 0.69
N ASN A 471 7.98 19.93 -0.57
CA ASN A 471 6.66 20.12 -1.16
C ASN A 471 5.69 18.96 -0.94
N GLY A 472 6.18 17.89 -0.31
CA GLY A 472 5.37 16.71 -0.02
C GLY A 472 4.73 16.14 -1.26
N TYR A 473 3.41 15.95 -1.21
CA TYR A 473 2.69 15.41 -2.36
C TYR A 473 1.84 16.48 -3.04
N THR A 474 2.16 17.75 -2.77
CA THR A 474 1.42 18.88 -3.33
C THR A 474 1.69 19.08 -4.83
N VAL A 475 2.74 18.44 -5.33
CA VAL A 475 3.11 18.57 -6.75
C VAL A 475 3.41 17.21 -7.41
N ARG A 476 3.16 17.12 -8.71
CA ARG A 476 3.30 15.86 -9.46
C ARG A 476 4.26 16.01 -10.63
N PHE A 477 5.39 15.31 -10.56
CA PHE A 477 6.43 15.36 -11.60
C PHE A 477 6.34 14.17 -12.56
N GLY A 478 5.47 13.23 -12.24
CA GLY A 478 5.46 11.95 -12.92
C GLY A 478 4.90 11.95 -14.32
N ILE A 479 5.43 11.05 -15.13
CA ILE A 479 4.86 10.74 -16.42
C ILE A 479 3.67 9.80 -16.23
N ASN A 480 3.64 9.09 -15.11
CA ASN A 480 2.48 8.34 -14.68
C ASN A 480 1.92 8.88 -13.36
N PHE A 481 0.60 8.88 -13.27
CA PHE A 481 -0.14 9.37 -12.12
C PHE A 481 -0.18 8.30 -11.05
N VAL A 482 -0.04 8.73 -9.80
CA VAL A 482 -0.18 7.83 -8.67
C VAL A 482 -1.32 8.32 -7.78
N ASP A 483 -2.34 7.47 -7.65
CA ASP A 483 -3.49 7.79 -6.82
C ASP A 483 -3.19 7.43 -5.38
N TYR A 484 -2.84 8.45 -4.59
CA TYR A 484 -2.51 8.21 -3.19
C TYR A 484 -3.71 7.81 -2.34
N ASN A 485 -4.92 8.14 -2.82
CA ASN A 485 -6.12 7.78 -2.08
C ASN A 485 -6.73 6.43 -2.48
N ASP A 486 -6.16 5.81 -3.52
CA ASP A 486 -6.64 4.53 -4.02
C ASP A 486 -5.48 3.54 -4.20
N GLY A 487 -4.84 3.22 -3.08
CA GLY A 487 -3.85 2.15 -3.01
C GLY A 487 -2.58 2.38 -3.80
N ARG A 488 -2.31 3.63 -4.16
CA ARG A 488 -1.16 4.01 -4.99
C ARG A 488 -1.22 3.47 -6.42
N LYS A 489 -2.43 3.32 -6.95
CA LYS A 489 -2.62 2.88 -8.35
C LYS A 489 -1.92 3.79 -9.35
N ARG A 490 -1.32 3.20 -10.37
CA ARG A 490 -0.65 3.96 -11.43
C ARG A 490 -1.54 4.11 -12.65
N TYR A 491 -1.61 5.32 -13.19
CA TYR A 491 -2.30 5.57 -14.47
C TYR A 491 -1.36 6.36 -15.37
N PRO A 492 -1.11 5.85 -16.59
CA PRO A 492 -0.33 6.64 -17.55
C PRO A 492 -1.03 7.96 -17.86
N LYS A 493 -0.28 9.06 -17.79
CA LYS A 493 -0.76 10.35 -18.26
C LYS A 493 -0.60 10.42 -19.76
N ASN A 494 -1.18 11.43 -20.41
CA ASN A 494 -0.97 11.65 -21.84
C ASN A 494 0.51 11.62 -22.26
N SER A 495 1.38 12.19 -21.44
CA SER A 495 2.81 12.24 -21.74
C SER A 495 3.47 10.85 -21.84
N ALA A 496 2.90 9.87 -21.16
CA ALA A 496 3.35 8.47 -21.29
C ALA A 496 3.09 7.92 -22.68
N HIS A 497 1.90 8.21 -23.21
CA HIS A 497 1.53 7.82 -24.57
C HIS A 497 2.41 8.54 -25.58
N TRP A 498 2.73 9.79 -25.29
CA TRP A 498 3.64 10.59 -26.11
C TRP A 498 5.05 9.97 -26.17
N PHE A 499 5.60 9.63 -25.01
CA PHE A 499 6.90 8.97 -24.95
C PHE A 499 6.91 7.63 -25.69
N LYS A 500 5.84 6.85 -25.53
CA LYS A 500 5.71 5.61 -26.26
C LYS A 500 5.90 5.81 -27.77
N LYS A 501 5.28 6.86 -28.32
CA LYS A 501 5.44 7.19 -29.74
C LYS A 501 6.85 7.67 -30.05
N PHE A 502 7.35 8.61 -29.25
CA PHE A 502 8.70 9.14 -29.37
C PHE A 502 9.77 8.03 -29.38
N LEU A 503 9.54 6.95 -28.65
CA LEU A 503 10.56 5.92 -28.44
C LEU A 503 10.51 4.73 -29.41
N LEU A 504 9.69 4.82 -30.45
CA LEU A 504 9.51 3.68 -31.35
C LEU A 504 10.78 3.24 -32.09
N LYS A 505 10.95 1.92 -32.18
CA LYS A 505 12.07 1.23 -32.85
C LYS A 505 13.45 1.70 -32.37
N PRO B 28 -26.54 -0.06 34.39
CA PRO B 28 -26.59 -0.15 32.94
C PRO B 28 -26.12 -1.52 32.47
N VAL B 29 -24.93 -1.59 31.86
CA VAL B 29 -24.37 -2.86 31.37
C VAL B 29 -22.93 -2.63 30.94
N SER B 30 -22.05 -3.54 31.33
CA SER B 30 -20.63 -3.47 31.02
C SER B 30 -20.06 -4.88 30.96
N ARG B 31 -18.74 -5.00 30.76
CA ARG B 31 -18.10 -6.31 30.78
C ARG B 31 -18.31 -6.97 32.14
N ARG B 32 -18.32 -6.15 33.19
CA ARG B 32 -18.53 -6.61 34.57
C ARG B 32 -19.78 -7.48 34.72
N SER B 33 -20.80 -7.21 33.93
CA SER B 33 -22.04 -7.98 33.97
C SER B 33 -21.89 -9.40 33.40
N PHE B 34 -20.81 -9.65 32.67
CA PHE B 34 -20.62 -10.94 31.97
C PHE B 34 -19.70 -11.86 32.76
N PRO B 35 -19.83 -13.19 32.56
CA PRO B 35 -19.00 -14.14 33.29
C PRO B 35 -17.51 -13.81 33.25
N LYS B 36 -16.80 -14.15 34.32
CA LYS B 36 -15.35 -13.98 34.36
C LYS B 36 -14.73 -14.72 33.17
N GLY B 37 -13.74 -14.12 32.53
CA GLY B 37 -13.05 -14.74 31.38
C GLY B 37 -13.77 -14.66 30.05
N PHE B 38 -14.91 -13.96 30.01
CA PHE B 38 -15.69 -13.82 28.78
C PHE B 38 -14.91 -12.94 27.81
N ILE B 39 -14.80 -13.35 26.54
CA ILE B 39 -14.00 -12.53 25.61
C ILE B 39 -14.81 -11.62 24.69
N PHE B 40 -14.32 -10.38 24.54
CA PHE B 40 -14.90 -9.42 23.60
C PHE B 40 -13.88 -9.04 22.52
N GLY B 41 -14.38 -8.92 21.30
CA GLY B 41 -13.55 -8.52 20.18
C GLY B 41 -14.32 -7.91 19.02
N THR B 42 -13.58 -7.62 17.95
CA THR B 42 -14.18 -7.19 16.70
C THR B 42 -13.82 -8.20 15.63
N ALA B 43 -14.54 -8.14 14.51
CA ALA B 43 -14.31 -9.09 13.43
C ALA B 43 -14.03 -8.32 12.14
N SER B 44 -13.29 -8.94 11.24
CA SER B 44 -13.00 -8.41 9.91
C SER B 44 -12.86 -9.60 8.98
N SER B 45 -12.64 -9.35 7.70
CA SER B 45 -12.28 -10.41 6.77
C SER B 45 -11.30 -9.89 5.71
N SER B 46 -10.57 -10.80 5.09
CA SER B 46 -9.47 -10.45 4.20
C SER B 46 -9.88 -9.54 3.05
N TYR B 47 -10.77 -10.03 2.19
CA TYR B 47 -11.15 -9.27 1.00
C TYR B 47 -11.78 -7.94 1.33
N GLN B 48 -12.51 -7.88 2.43
CA GLN B 48 -13.27 -6.69 2.77
C GLN B 48 -12.40 -5.58 3.32
N TYR B 49 -11.24 -5.95 3.86
CA TYR B 49 -10.38 -5.07 4.63
C TYR B 49 -9.02 -4.82 3.98
N GLU B 50 -8.40 -5.88 3.46
CA GLU B 50 -6.97 -5.83 3.11
C GLU B 50 -6.53 -4.87 2.03
N GLY B 51 -7.17 -4.90 0.87
CA GLY B 51 -6.61 -4.29 -0.31
C GLY B 51 -5.32 -5.00 -0.65
N GLY B 52 -4.39 -4.28 -1.29
CA GLY B 52 -3.18 -4.90 -1.84
C GLY B 52 -3.55 -6.17 -2.58
N ALA B 53 -4.62 -6.10 -3.36
CA ALA B 53 -5.20 -7.26 -4.04
C ALA B 53 -4.20 -7.97 -4.96
N ALA B 54 -3.32 -7.20 -5.58
CA ALA B 54 -2.27 -7.78 -6.43
C ALA B 54 -0.86 -7.48 -5.89
N GLU B 55 -0.73 -7.20 -4.61
CA GLU B 55 0.59 -7.00 -4.01
C GLU B 55 1.05 -8.26 -3.29
N GLY B 56 2.36 -8.34 -3.05
CA GLY B 56 2.94 -9.40 -2.25
C GLY B 56 2.64 -10.80 -2.74
N GLY B 57 2.51 -10.93 -4.07
CA GLY B 57 2.31 -12.24 -4.71
C GLY B 57 0.89 -12.77 -4.68
N ARG B 58 -0.07 -11.98 -4.24
CA ARG B 58 -1.45 -12.50 -4.13
C ARG B 58 -2.09 -12.87 -5.49
N GLY B 59 -2.67 -14.06 -5.54
CA GLY B 59 -3.42 -14.52 -6.69
C GLY B 59 -4.85 -14.02 -6.65
N PRO B 60 -5.53 -14.04 -7.81
CA PRO B 60 -6.90 -13.56 -7.81
C PRO B 60 -7.86 -14.54 -7.11
N SER B 61 -8.86 -14.01 -6.41
CA SER B 61 -9.94 -14.82 -5.87
C SER B 61 -11.17 -14.64 -6.76
N ILE B 62 -12.21 -15.43 -6.51
CA ILE B 62 -13.46 -15.31 -7.27
C ILE B 62 -14.10 -13.95 -7.08
N TRP B 63 -13.72 -13.26 -6.01
CA TRP B 63 -14.25 -11.94 -5.71
C TRP B 63 -13.51 -10.82 -6.46
N ASP B 64 -12.23 -11.03 -6.79
CA ASP B 64 -11.52 -10.10 -7.66
C ASP B 64 -12.19 -10.17 -9.05
N THR B 65 -12.37 -11.38 -9.55
CA THR B 65 -13.01 -11.63 -10.84
C THR B 65 -14.42 -11.03 -10.91
N PHE B 66 -15.25 -11.41 -9.95
CA PHE B 66 -16.64 -10.96 -9.87
C PHE B 66 -16.77 -9.43 -9.91
N THR B 67 -16.00 -8.72 -9.10
CA THR B 67 -16.13 -7.26 -9.00
C THR B 67 -15.64 -6.53 -10.24
N HIS B 68 -14.63 -7.09 -10.90
CA HIS B 68 -14.05 -6.48 -12.08
C HIS B 68 -14.82 -6.84 -13.35
N GLN B 69 -15.33 -8.06 -13.40
CA GLN B 69 -16.03 -8.55 -14.59
C GLN B 69 -17.55 -8.32 -14.53
N HIS B 70 -18.07 -8.06 -13.34
CA HIS B 70 -19.50 -7.77 -13.20
C HIS B 70 -19.77 -6.58 -12.28
N PRO B 71 -19.22 -5.41 -12.61
CA PRO B 71 -19.40 -4.25 -11.73
C PRO B 71 -20.86 -3.76 -11.60
N GLU B 72 -21.70 -4.07 -12.58
CA GLU B 72 -23.13 -3.75 -12.48
C GLU B 72 -23.78 -4.47 -11.30
N LYS B 73 -23.18 -5.58 -10.87
CA LYS B 73 -23.73 -6.36 -9.77
C LYS B 73 -23.29 -5.85 -8.39
N ILE B 74 -22.58 -4.73 -8.37
CA ILE B 74 -22.13 -4.09 -7.15
C ILE B 74 -22.73 -2.70 -7.10
N ALA B 75 -23.39 -2.38 -5.99
CA ALA B 75 -24.13 -1.14 -5.82
C ALA B 75 -23.46 0.12 -6.39
N ASP B 76 -22.17 0.30 -6.14
CA ASP B 76 -21.45 1.49 -6.61
C ASP B 76 -20.32 1.15 -7.58
N ARG B 77 -20.46 0.00 -8.25
CA ARG B 77 -19.51 -0.45 -9.28
C ARG B 77 -18.03 -0.51 -8.80
N SER B 78 -17.86 -0.80 -7.51
CA SER B 78 -16.55 -0.83 -6.88
C SER B 78 -16.01 -2.25 -6.66
N ASN B 79 -14.80 -2.33 -6.10
CA ASN B 79 -14.14 -3.60 -5.86
C ASN B 79 -13.27 -3.54 -4.60
N GLY B 80 -12.67 -4.67 -4.24
CA GLY B 80 -11.79 -4.73 -3.07
C GLY B 80 -10.31 -4.49 -3.30
N ASP B 81 -9.92 -3.97 -4.47
CA ASP B 81 -8.48 -3.71 -4.78
C ASP B 81 -7.74 -3.02 -3.64
N VAL B 82 -8.36 -2.00 -3.06
CA VAL B 82 -7.77 -1.21 -1.99
C VAL B 82 -8.51 -1.42 -0.66
N ALA B 83 -9.83 -1.44 -0.73
CA ALA B 83 -10.68 -1.71 0.43
C ALA B 83 -10.37 -0.73 1.55
N SER B 84 -10.04 -1.24 2.73
CA SER B 84 -9.70 -0.39 3.86
C SER B 84 -8.19 -0.27 4.02
N ASP B 85 -7.47 -0.80 3.04
CA ASP B 85 -6.00 -0.78 3.02
C ASP B 85 -5.33 -1.35 4.27
N SER B 86 -5.90 -2.41 4.83
CA SER B 86 -5.33 -3.02 6.03
C SER B 86 -4.03 -3.74 5.72
N TYR B 87 -3.81 -4.10 4.46
CA TYR B 87 -2.52 -4.64 4.05
C TYR B 87 -1.38 -3.73 4.48
N HIS B 88 -1.58 -2.42 4.37
CA HIS B 88 -0.57 -1.44 4.80
C HIS B 88 -0.85 -0.87 6.17
N LEU B 89 -2.12 -0.77 6.56
CA LEU B 89 -2.48 0.00 7.76
C LEU B 89 -2.82 -0.82 9.01
N TYR B 90 -2.53 -2.13 8.97
CA TYR B 90 -2.89 -3.03 10.07
C TYR B 90 -2.35 -2.63 11.45
N LYS B 91 -1.23 -1.91 11.50
CA LYS B 91 -0.69 -1.43 12.78
C LYS B 91 -1.65 -0.43 13.42
N GLU B 92 -2.24 0.41 12.59
CA GLU B 92 -3.23 1.34 13.08
C GLU B 92 -4.49 0.64 13.57
N ASP B 93 -4.92 -0.40 12.85
CA ASP B 93 -6.07 -1.21 13.27
C ASP B 93 -5.87 -1.83 14.66
N VAL B 94 -4.71 -2.46 14.86
CA VAL B 94 -4.34 -3.03 16.16
C VAL B 94 -4.41 -1.94 17.24
N ARG B 95 -3.79 -0.80 16.98
CA ARG B 95 -3.79 0.33 17.90
C ARG B 95 -5.21 0.66 18.34
N LEU B 96 -6.10 0.84 17.36
CA LEU B 96 -7.50 1.15 17.62
C LEU B 96 -8.25 0.12 18.48
N MET B 97 -7.95 -1.16 18.33
CA MET B 97 -8.64 -2.19 19.12
C MET B 97 -8.14 -2.21 20.56
N LYS B 98 -6.85 -1.93 20.73
CA LYS B 98 -6.22 -1.95 22.04
C LYS B 98 -6.73 -0.76 22.84
N ASP B 99 -6.94 0.36 22.14
CA ASP B 99 -7.53 1.57 22.72
C ASP B 99 -8.91 1.33 23.29
N MET B 100 -9.76 0.61 22.53
CA MET B 100 -11.07 0.24 23.03
C MET B 100 -10.98 -0.81 24.14
N GLY B 101 -9.86 -1.52 24.18
CA GLY B 101 -9.64 -2.56 25.19
C GLY B 101 -10.19 -3.92 24.81
N MET B 102 -10.21 -4.23 23.51
CA MET B 102 -10.64 -5.52 23.01
C MET B 102 -9.72 -6.66 23.44
N ASP B 103 -10.29 -7.82 23.77
CA ASP B 103 -9.48 -8.99 24.12
C ASP B 103 -9.01 -9.74 22.89
N ALA B 104 -9.81 -9.73 21.84
CA ALA B 104 -9.59 -10.60 20.71
C ALA B 104 -9.89 -9.90 19.39
N TYR B 105 -9.35 -10.45 18.31
CA TYR B 105 -9.59 -10.00 16.97
C TYR B 105 -9.84 -11.23 16.11
N ARG B 106 -10.98 -11.23 15.44
CA ARG B 106 -11.29 -12.25 14.48
C ARG B 106 -10.97 -11.69 13.08
N PHE B 107 -10.07 -12.36 12.38
CA PHE B 107 -9.79 -11.98 10.99
C PHE B 107 -9.70 -13.23 10.13
N SER B 108 -9.69 -13.04 8.81
CA SER B 108 -9.53 -14.16 7.91
C SER B 108 -8.22 -14.06 7.13
N ILE B 109 -7.71 -15.22 6.74
CA ILE B 109 -6.57 -15.32 5.86
C ILE B 109 -7.09 -15.50 4.44
N SER B 110 -6.48 -14.77 3.51
CA SER B 110 -6.78 -14.90 2.08
C SER B 110 -6.05 -16.12 1.55
N TRP B 111 -6.82 -17.12 1.15
CA TRP B 111 -6.33 -18.36 0.56
C TRP B 111 -5.33 -18.08 -0.58
N THR B 112 -5.65 -17.13 -1.46
CA THR B 112 -4.78 -16.82 -2.61
C THR B 112 -3.57 -15.96 -2.24
N ARG B 113 -3.50 -15.51 -0.99
CA ARG B 113 -2.31 -14.82 -0.52
C ARG B 113 -1.27 -15.83 -0.06
N ILE B 114 -1.74 -17.00 0.38
CA ILE B 114 -0.86 -18.09 0.81
C ILE B 114 -0.53 -19.02 -0.37
N LEU B 115 -1.56 -19.44 -1.10
CA LEU B 115 -1.40 -20.26 -2.29
C LEU B 115 -2.03 -19.53 -3.48
N PRO B 116 -1.21 -18.77 -4.24
CA PRO B 116 -1.71 -17.91 -5.31
C PRO B 116 -2.62 -18.61 -6.33
N ASN B 117 -2.39 -19.89 -6.57
CA ASN B 117 -3.33 -20.64 -7.40
C ASN B 117 -4.10 -21.76 -6.69
N GLY B 118 -4.33 -21.59 -5.38
CA GLY B 118 -5.22 -22.48 -4.62
C GLY B 118 -4.65 -23.82 -4.16
N SER B 119 -3.73 -24.38 -4.92
CA SER B 119 -3.18 -25.70 -4.62
C SER B 119 -1.75 -25.64 -4.12
N LEU B 120 -1.36 -26.68 -3.41
CA LEU B 120 0.01 -26.83 -2.93
C LEU B 120 1.02 -26.87 -4.07
N ARG B 121 0.77 -27.65 -5.11
CA ARG B 121 1.76 -27.77 -6.19
C ARG B 121 1.90 -26.45 -6.95
N GLY B 122 0.91 -25.59 -6.80
CA GLY B 122 0.97 -24.23 -7.36
C GLY B 122 1.98 -23.32 -6.72
N GLY B 123 2.48 -23.67 -5.53
CA GLY B 123 3.51 -22.87 -4.87
C GLY B 123 3.00 -22.13 -3.66
N VAL B 124 3.82 -22.12 -2.61
CA VAL B 124 3.52 -21.42 -1.38
C VAL B 124 4.11 -20.03 -1.48
N ASN B 125 3.34 -19.02 -1.11
CA ASN B 125 3.76 -17.61 -1.22
C ASN B 125 4.30 -17.05 0.09
N LYS B 126 5.62 -16.90 0.15
CA LYS B 126 6.33 -16.53 1.38
C LYS B 126 6.03 -15.11 1.88
N GLU B 127 5.80 -14.19 0.95
CA GLU B 127 5.45 -12.82 1.30
C GLU B 127 4.08 -12.77 1.96
N GLY B 128 3.18 -13.67 1.55
CA GLY B 128 1.88 -13.80 2.14
C GLY B 128 1.92 -14.29 3.58
N ILE B 129 2.71 -15.32 3.82
CA ILE B 129 2.95 -15.82 5.17
C ILE B 129 3.55 -14.71 6.04
N LYS B 130 4.51 -13.97 5.48
CA LYS B 130 5.14 -12.87 6.19
C LYS B 130 4.08 -11.87 6.68
N TYR B 131 3.17 -11.48 5.79
CA TYR B 131 2.10 -10.54 6.16
C TYR B 131 1.26 -11.00 7.36
N TYR B 132 0.80 -12.24 7.35
CA TYR B 132 -0.02 -12.72 8.48
C TYR B 132 0.81 -12.93 9.75
N ASN B 133 2.09 -13.21 9.60
CA ASN B 133 2.98 -13.24 10.77
C ASN B 133 3.09 -11.85 11.39
N ASN B 134 3.29 -10.85 10.55
CA ASN B 134 3.40 -9.47 11.00
C ASN B 134 2.15 -9.07 11.80
N LEU B 135 0.99 -9.37 11.23
CA LEU B 135 -0.27 -9.07 11.85
C LEU B 135 -0.44 -9.84 13.17
N ILE B 136 -0.20 -11.15 13.14
CA ILE B 136 -0.32 -11.95 14.35
C ILE B 136 0.61 -11.43 15.45
N ASN B 137 1.86 -11.14 15.10
CA ASN B 137 2.83 -10.67 16.07
C ASN B 137 2.48 -9.30 16.62
N GLU B 138 2.00 -8.42 15.74
CA GLU B 138 1.53 -7.12 16.20
C GLU B 138 0.34 -7.26 17.17
N LEU B 139 -0.57 -8.20 16.92
CA LEU B 139 -1.69 -8.39 17.84
C LEU B 139 -1.23 -8.89 19.21
N LEU B 140 -0.42 -9.94 19.21
CA LEU B 140 0.03 -10.53 20.47
C LEU B 140 0.85 -9.56 21.29
N SER B 141 1.74 -8.82 20.63
CA SER B 141 2.54 -7.81 21.30
C SER B 141 1.68 -6.74 22.03
N LYS B 142 0.38 -6.72 21.73
CA LYS B 142 -0.53 -5.80 22.41
C LYS B 142 -1.57 -6.54 23.25
N GLY B 143 -1.37 -7.85 23.43
CA GLY B 143 -2.25 -8.66 24.25
C GLY B 143 -3.63 -8.88 23.68
N VAL B 144 -3.75 -8.87 22.35
CA VAL B 144 -5.00 -9.20 21.67
C VAL B 144 -4.91 -10.62 21.12
N GLN B 145 -5.89 -11.47 21.44
CA GLN B 145 -5.86 -12.85 20.91
C GLN B 145 -6.39 -12.90 19.47
N PRO B 146 -5.64 -13.58 18.59
CA PRO B 146 -6.09 -13.79 17.22
C PRO B 146 -6.99 -15.02 17.05
N PHE B 147 -8.18 -14.78 16.49
CA PHE B 147 -9.15 -15.80 16.10
C PHE B 147 -9.17 -15.78 14.57
N ILE B 148 -8.74 -16.87 13.93
CA ILE B 148 -8.60 -16.88 12.48
C ILE B 148 -9.64 -17.70 11.74
N THR B 149 -10.32 -17.05 10.80
CA THR B 149 -11.16 -17.70 9.82
C THR B 149 -10.32 -18.13 8.58
N LEU B 150 -10.36 -19.41 8.23
CA LEU B 150 -9.64 -19.89 7.05
C LEU B 150 -10.28 -19.50 5.71
N PHE B 151 -11.61 -19.57 5.62
CA PHE B 151 -12.31 -19.26 4.40
C PHE B 151 -13.44 -18.26 4.64
N HIS B 152 -13.25 -17.04 4.13
CA HIS B 152 -14.30 -16.04 4.18
C HIS B 152 -14.62 -15.57 2.74
N TRP B 153 -14.92 -16.56 1.91
CA TRP B 153 -15.51 -16.41 0.57
C TRP B 153 -14.53 -16.13 -0.57
N ASP B 154 -13.34 -15.63 -0.24
CA ASP B 154 -12.33 -15.33 -1.25
C ASP B 154 -11.67 -16.59 -1.83
N SER B 155 -12.50 -17.41 -2.47
CA SER B 155 -12.10 -18.63 -3.13
C SER B 155 -11.19 -18.37 -4.36
N PRO B 156 -10.17 -19.23 -4.56
CA PRO B 156 -9.20 -19.04 -5.63
C PRO B 156 -9.85 -19.13 -7.00
N GLN B 157 -9.59 -18.14 -7.85
CA GLN B 157 -10.05 -18.17 -9.24
C GLN B 157 -9.43 -19.34 -9.99
N ALA B 158 -8.16 -19.63 -9.71
CA ALA B 158 -7.48 -20.73 -10.40
C ALA B 158 -8.21 -22.07 -10.24
N LEU B 159 -8.79 -22.29 -9.05
CA LEU B 159 -9.53 -23.51 -8.82
C LEU B 159 -10.94 -23.43 -9.41
N GLU B 160 -11.50 -22.24 -9.44
CA GLU B 160 -12.78 -22.02 -10.14
C GLU B 160 -12.64 -22.37 -11.64
N ASP B 161 -11.57 -21.89 -12.27
CA ASP B 161 -11.29 -22.21 -13.68
C ASP B 161 -10.93 -23.68 -13.89
N LYS B 162 -10.19 -24.25 -12.94
CA LYS B 162 -9.73 -25.64 -13.04
C LYS B 162 -10.88 -26.65 -12.92
N TYR B 163 -11.74 -26.46 -11.92
CA TYR B 163 -12.78 -27.46 -11.66
C TYR B 163 -14.08 -26.94 -11.03
N ASN B 164 -14.34 -25.66 -11.20
CA ASN B 164 -15.55 -25.03 -10.65
C ASN B 164 -15.57 -24.96 -9.13
N GLY B 165 -14.40 -24.83 -8.54
CA GLY B 165 -14.28 -24.55 -7.11
C GLY B 165 -14.98 -25.54 -6.22
N PHE B 166 -15.92 -25.02 -5.43
CA PHE B 166 -16.63 -25.84 -4.46
C PHE B 166 -17.62 -26.84 -5.05
N LEU B 167 -17.88 -26.75 -6.35
CA LEU B 167 -18.76 -27.72 -7.01
C LEU B 167 -18.08 -29.07 -7.24
N SER B 168 -16.76 -29.11 -7.15
CA SER B 168 -16.02 -30.35 -7.32
C SER B 168 -15.47 -30.85 -5.99
N PRO B 169 -15.53 -32.17 -5.76
CA PRO B 169 -14.93 -32.78 -4.57
C PRO B 169 -13.42 -32.56 -4.45
N ASN B 170 -12.76 -32.12 -5.51
CA ASN B 170 -11.33 -31.81 -5.46
C ASN B 170 -11.01 -30.66 -4.50
N ILE B 171 -12.01 -29.82 -4.26
CA ILE B 171 -11.90 -28.70 -3.36
C ILE B 171 -11.46 -29.11 -1.96
N ILE B 172 -11.84 -30.32 -1.57
CA ILE B 172 -11.61 -30.82 -0.23
C ILE B 172 -10.13 -30.95 0.06
N ASN B 173 -9.40 -31.69 -0.76
CA ASN B 173 -7.97 -31.86 -0.51
C ASN B 173 -7.15 -30.57 -0.67
N ASP B 174 -7.55 -29.71 -1.60
CA ASP B 174 -6.92 -28.41 -1.75
C ASP B 174 -7.16 -27.50 -0.52
N PHE B 175 -8.39 -27.46 -0.04
CA PHE B 175 -8.69 -26.75 1.20
C PHE B 175 -7.92 -27.31 2.39
N LYS B 176 -7.90 -28.63 2.51
CA LYS B 176 -7.16 -29.32 3.56
C LYS B 176 -5.69 -28.91 3.54
N ASP B 177 -5.08 -29.02 2.36
CA ASP B 177 -3.70 -28.56 2.13
C ASP B 177 -3.44 -27.11 2.52
N TYR B 178 -4.40 -26.22 2.23
CA TYR B 178 -4.29 -24.82 2.58
C TYR B 178 -4.34 -24.60 4.10
N ALA B 179 -5.32 -25.23 4.75
CA ALA B 179 -5.46 -25.18 6.19
C ALA B 179 -4.19 -25.69 6.91
N GLU B 180 -3.64 -26.77 6.39
CA GLU B 180 -2.46 -27.39 6.95
C GLU B 180 -1.28 -26.43 6.95
N ILE B 181 -1.05 -25.75 5.83
CA ILE B 181 -0.04 -24.69 5.79
C ILE B 181 -0.27 -23.64 6.88
N CYS B 182 -1.52 -23.24 7.06
CA CYS B 182 -1.87 -22.28 8.10
C CYS B 182 -1.57 -22.80 9.53
N PHE B 183 -1.85 -24.08 9.79
CA PHE B 183 -1.53 -24.64 11.11
C PHE B 183 -0.02 -24.68 11.31
N LYS B 184 0.71 -25.12 10.29
CA LYS B 184 2.17 -25.20 10.34
C LYS B 184 2.79 -23.83 10.60
N GLU B 185 2.34 -22.82 9.85
CA GLU B 185 2.96 -21.50 9.88
C GLU B 185 2.53 -20.64 11.06
N PHE B 186 1.29 -20.83 11.52
CA PHE B 186 0.67 -19.89 12.46
C PHE B 186 0.19 -20.51 13.76
N GLY B 187 0.00 -21.84 13.78
CA GLY B 187 -0.56 -22.53 14.94
C GLY B 187 0.26 -22.49 16.22
N ASP B 188 1.52 -22.08 16.12
CA ASP B 188 2.37 -21.87 17.27
C ASP B 188 1.82 -20.73 18.14
N ARG B 189 1.22 -19.73 17.49
CA ARG B 189 0.66 -18.57 18.16
C ARG B 189 -0.87 -18.48 18.06
N VAL B 190 -1.46 -19.03 17.01
CA VAL B 190 -2.93 -19.01 16.87
C VAL B 190 -3.59 -20.24 17.48
N LYS B 191 -4.44 -20.03 18.47
CA LYS B 191 -5.06 -21.13 19.19
C LYS B 191 -6.57 -21.23 18.94
N ASN B 192 -7.09 -20.38 18.05
CA ASN B 192 -8.51 -20.37 17.76
C ASN B 192 -8.77 -20.27 16.28
N TRP B 193 -9.29 -21.35 15.72
CA TRP B 193 -9.46 -21.47 14.30
C TRP B 193 -10.91 -21.66 13.93
N ILE B 194 -11.32 -20.98 12.87
CA ILE B 194 -12.62 -21.16 12.25
C ILE B 194 -12.36 -21.57 10.80
N THR B 195 -13.00 -22.66 10.36
CA THR B 195 -12.81 -23.15 9.01
C THR B 195 -13.56 -22.27 8.01
N PHE B 196 -14.89 -22.26 8.11
CA PHE B 196 -15.71 -21.55 7.14
C PHE B 196 -16.57 -20.51 7.80
N ASN B 197 -16.72 -19.37 7.12
CA ASN B 197 -17.60 -18.36 7.63
C ASN B 197 -18.90 -18.32 6.82
N GLU B 198 -20.02 -18.29 7.54
CA GLU B 198 -21.37 -18.33 6.96
C GLU B 198 -21.47 -19.06 5.61
N PRO B 199 -21.29 -20.38 5.61
CA PRO B 199 -21.51 -21.16 4.37
C PRO B 199 -22.92 -20.99 3.77
N TRP B 200 -23.91 -20.62 4.59
CA TRP B 200 -25.25 -20.36 4.08
C TRP B 200 -25.24 -19.22 3.07
N THR B 201 -24.65 -18.10 3.49
CA THR B 201 -24.54 -16.93 2.62
C THR B 201 -23.77 -17.29 1.35
N PHE B 202 -22.65 -17.99 1.52
CA PHE B 202 -21.80 -18.35 0.41
C PHE B 202 -22.56 -19.18 -0.63
N CYS B 203 -23.31 -20.17 -0.15
CA CYS B 203 -23.98 -21.12 -1.04
C CYS B 203 -25.27 -20.56 -1.66
N SER B 204 -26.05 -19.83 -0.88
CA SER B 204 -27.29 -19.27 -1.41
C SER B 204 -27.01 -18.12 -2.37
N ASN B 205 -26.26 -17.12 -1.90
CA ASN B 205 -25.90 -15.98 -2.74
C ASN B 205 -24.97 -16.31 -3.91
N GLY B 206 -24.15 -17.33 -3.75
CA GLY B 206 -23.18 -17.67 -4.78
C GLY B 206 -23.69 -18.63 -5.81
N TYR B 207 -24.69 -19.42 -5.44
CA TYR B 207 -25.16 -20.52 -6.30
C TYR B 207 -26.67 -20.57 -6.53
N ALA B 208 -27.43 -19.82 -5.74
CA ALA B 208 -28.88 -19.85 -5.86
C ALA B 208 -29.39 -18.56 -6.50
N THR B 209 -29.02 -17.43 -5.91
CA THR B 209 -29.40 -16.12 -6.44
C THR B 209 -28.34 -15.53 -7.39
N GLY B 210 -27.11 -16.04 -7.31
CA GLY B 210 -26.00 -15.52 -8.12
C GLY B 210 -25.68 -14.04 -7.94
N LEU B 211 -26.09 -13.47 -6.81
CA LEU B 211 -25.84 -12.06 -6.51
C LEU B 211 -24.44 -11.84 -5.90
N PHE B 212 -23.80 -12.92 -5.43
CA PHE B 212 -22.44 -12.87 -4.90
C PHE B 212 -21.56 -13.77 -5.75
N ALA B 213 -20.25 -13.53 -5.71
CA ALA B 213 -19.29 -14.43 -6.36
C ALA B 213 -19.56 -15.85 -5.87
N PRO B 214 -19.38 -16.87 -6.73
CA PRO B 214 -18.95 -16.87 -8.12
C PRO B 214 -20.04 -16.48 -9.13
N GLY B 215 -21.14 -15.92 -8.66
CA GLY B 215 -22.22 -15.41 -9.53
C GLY B 215 -22.79 -16.49 -10.43
N ARG B 216 -23.27 -17.58 -9.83
CA ARG B 216 -23.94 -18.67 -10.53
C ARG B 216 -25.40 -18.76 -10.09
N CYS B 217 -26.27 -19.07 -11.05
CA CYS B 217 -27.68 -19.26 -10.78
C CYS B 217 -28.38 -19.84 -12.01
N SER B 218 -29.61 -20.29 -11.82
CA SER B 218 -30.48 -20.66 -12.92
C SER B 218 -30.85 -19.39 -13.68
N PRO B 219 -31.00 -19.50 -15.02
CA PRO B 219 -31.25 -18.34 -15.91
C PRO B 219 -32.36 -17.39 -15.43
N TRP B 220 -33.40 -17.92 -14.81
CA TRP B 220 -34.56 -17.12 -14.39
C TRP B 220 -34.42 -16.46 -13.03
N GLU B 221 -33.36 -16.80 -12.30
CA GLU B 221 -33.13 -16.28 -10.94
C GLU B 221 -32.62 -14.83 -10.95
N LYS B 222 -32.65 -14.18 -9.79
CA LYS B 222 -32.38 -12.74 -9.67
C LYS B 222 -31.08 -12.30 -10.36
N GLY B 223 -30.03 -13.11 -10.25
CA GLY B 223 -28.72 -12.76 -10.82
C GLY B 223 -28.64 -12.82 -12.34
N ASN B 224 -29.60 -13.49 -12.97
CA ASN B 224 -29.64 -13.65 -14.43
C ASN B 224 -28.28 -14.11 -14.99
N CYS B 225 -27.79 -15.22 -14.45
CA CYS B 225 -26.42 -15.68 -14.66
C CYS B 225 -26.26 -16.46 -15.95
N SER B 226 -25.04 -16.47 -16.46
CA SER B 226 -24.73 -17.16 -17.70
C SER B 226 -24.71 -18.68 -17.50
N VAL B 227 -24.29 -19.12 -16.32
CA VAL B 227 -24.20 -20.54 -15.99
C VAL B 227 -24.78 -20.76 -14.59
N GLY B 228 -25.24 -21.98 -14.32
CA GLY B 228 -25.67 -22.37 -12.97
C GLY B 228 -26.91 -23.24 -12.92
N ASP B 229 -27.31 -23.58 -11.69
CA ASP B 229 -28.50 -24.38 -11.39
C ASP B 229 -28.84 -24.17 -9.91
N SER B 230 -29.74 -23.24 -9.67
CA SER B 230 -30.15 -22.84 -8.32
C SER B 230 -30.80 -23.94 -7.47
N GLY B 231 -31.06 -25.09 -8.10
CA GLY B 231 -31.74 -26.19 -7.43
C GLY B 231 -30.83 -27.34 -7.05
N ARG B 232 -29.59 -27.33 -7.56
CA ARG B 232 -28.63 -28.39 -7.25
C ARG B 232 -27.31 -27.87 -6.71
N GLU B 233 -26.81 -26.82 -7.35
CA GLU B 233 -25.48 -26.31 -7.02
C GLU B 233 -25.34 -25.78 -5.58
N PRO B 234 -26.35 -25.06 -5.08
CA PRO B 234 -26.24 -24.65 -3.67
C PRO B 234 -26.03 -25.83 -2.73
N TYR B 235 -26.62 -26.99 -3.06
CA TYR B 235 -26.50 -28.18 -2.23
C TYR B 235 -25.18 -28.85 -2.40
N THR B 236 -24.69 -28.87 -3.63
CA THR B 236 -23.39 -29.48 -3.92
C THR B 236 -22.24 -28.71 -3.25
N ALA B 237 -22.27 -27.38 -3.37
CA ALA B 237 -21.23 -26.53 -2.82
C ALA B 237 -21.17 -26.67 -1.31
N CYS B 238 -22.31 -26.58 -0.64
CA CYS B 238 -22.33 -26.66 0.80
C CYS B 238 -22.04 -28.03 1.40
N HIS B 239 -22.42 -29.07 0.68
CA HIS B 239 -22.03 -30.45 1.01
C HIS B 239 -20.51 -30.57 1.02
N HIS B 240 -19.88 -29.99 0.01
CA HIS B 240 -18.43 -30.01 -0.09
C HIS B 240 -17.77 -29.16 1.03
N GLN B 241 -18.39 -28.02 1.40
CA GLN B 241 -17.86 -27.20 2.50
C GLN B 241 -17.88 -27.98 3.84
N LEU B 242 -19.00 -28.65 4.11
CA LEU B 242 -19.15 -29.45 5.34
C LEU B 242 -18.10 -30.54 5.41
N LEU B 243 -17.82 -31.16 4.27
CA LEU B 243 -16.86 -32.24 4.22
C LEU B 243 -15.43 -31.71 4.32
N ALA B 244 -15.18 -30.55 3.74
CA ALA B 244 -13.88 -29.91 3.85
C ALA B 244 -13.67 -29.55 5.31
N HIS B 245 -14.71 -29.02 5.94
CA HIS B 245 -14.69 -28.67 7.34
C HIS B 245 -14.33 -29.84 8.23
N ALA B 246 -15.11 -30.91 8.12
CA ALA B 246 -14.91 -32.12 8.94
C ALA B 246 -13.54 -32.74 8.73
N GLU B 247 -13.09 -32.79 7.49
CA GLU B 247 -11.80 -33.40 7.19
C GLU B 247 -10.64 -32.55 7.71
N THR B 248 -10.88 -31.23 7.81
CA THR B 248 -9.89 -30.29 8.33
C THR B 248 -9.85 -30.38 9.85
N VAL B 249 -11.03 -30.46 10.47
CA VAL B 249 -11.12 -30.70 11.92
C VAL B 249 -10.39 -32.00 12.28
N ARG B 250 -10.67 -33.09 11.55
CA ARG B 250 -9.99 -34.35 11.78
C ARG B 250 -8.48 -34.14 11.69
N LEU B 251 -8.03 -33.44 10.66
CA LEU B 251 -6.61 -33.20 10.45
C LEU B 251 -6.00 -32.42 11.62
N TYR B 252 -6.67 -31.35 12.05
CA TYR B 252 -6.19 -30.55 13.18
C TYR B 252 -6.03 -31.42 14.43
N LYS B 253 -7.08 -32.17 14.76
CA LYS B 253 -7.10 -33.00 15.97
C LYS B 253 -6.11 -34.14 15.94
N ALA B 254 -5.69 -34.54 14.74
CA ALA B 254 -4.80 -35.69 14.60
C ALA B 254 -3.33 -35.30 14.62
N LYS B 255 -3.00 -34.13 14.10
CA LYS B 255 -1.60 -33.76 13.89
C LYS B 255 -1.15 -32.52 14.63
N TYR B 256 -2.09 -31.66 15.02
CA TYR B 256 -1.73 -30.33 15.51
C TYR B 256 -2.21 -30.03 16.91
N GLN B 257 -3.37 -30.53 17.31
CA GLN B 257 -3.97 -30.16 18.59
C GLN B 257 -3.11 -30.59 19.77
N ALA B 258 -2.49 -31.77 19.67
CA ALA B 258 -1.64 -32.28 20.75
C ALA B 258 -0.57 -31.25 21.13
N LEU B 259 0.19 -30.82 20.14
CA LEU B 259 1.33 -29.92 20.36
C LEU B 259 1.02 -28.42 20.35
N GLN B 260 -0.15 -28.03 19.83
CA GLN B 260 -0.49 -26.62 19.75
C GLN B 260 -1.61 -26.22 20.68
N LYS B 261 -2.52 -27.16 20.96
CA LYS B 261 -3.55 -27.00 21.98
C LYS B 261 -4.49 -25.83 21.72
N GLY B 262 -4.90 -25.69 20.46
CA GLY B 262 -5.93 -24.73 20.09
C GLY B 262 -7.27 -25.42 19.89
N LYS B 263 -8.29 -24.60 19.61
CA LYS B 263 -9.67 -25.03 19.35
C LYS B 263 -10.02 -24.75 17.89
N ILE B 264 -10.82 -25.64 17.30
CA ILE B 264 -11.23 -25.47 15.91
C ILE B 264 -12.76 -25.53 15.79
N GLY B 265 -13.31 -24.58 15.03
CA GLY B 265 -14.77 -24.50 14.86
C GLY B 265 -15.21 -24.05 13.47
N ILE B 266 -16.42 -23.50 13.41
CA ILE B 266 -17.04 -23.09 12.17
C ILE B 266 -18.06 -22.01 12.51
N THR B 267 -18.19 -21.00 11.65
CA THR B 267 -19.12 -19.90 11.86
C THR B 267 -20.37 -20.08 11.02
N LEU B 268 -21.53 -19.97 11.66
CA LEU B 268 -22.81 -20.15 11.00
C LEU B 268 -23.67 -18.95 11.26
N VAL B 269 -24.46 -18.57 10.26
CA VAL B 269 -25.37 -17.42 10.39
C VAL B 269 -26.81 -17.91 10.46
N SER B 270 -27.62 -17.25 11.29
CA SER B 270 -29.04 -17.52 11.29
C SER B 270 -29.80 -16.28 11.70
N HIS B 271 -30.94 -16.07 11.04
CA HIS B 271 -31.90 -15.07 11.47
C HIS B 271 -32.81 -15.74 12.49
N TRP B 272 -33.58 -14.94 13.21
CA TRP B 272 -34.66 -15.53 13.98
C TRP B 272 -35.94 -15.44 13.16
N PHE B 273 -36.70 -16.54 13.14
CA PHE B 273 -37.95 -16.56 12.37
C PHE B 273 -39.21 -16.53 13.25
N VAL B 274 -39.91 -15.40 13.21
CA VAL B 274 -41.21 -15.23 13.88
C VAL B 274 -42.29 -15.71 12.92
N PRO B 275 -43.17 -16.62 13.39
CA PRO B 275 -44.25 -17.06 12.52
C PRO B 275 -45.15 -15.88 12.10
N PHE B 276 -45.53 -15.87 10.83
CA PHE B 276 -46.31 -14.79 10.22
C PHE B 276 -47.66 -14.52 10.91
N SER B 277 -48.27 -15.58 11.46
CA SER B 277 -49.45 -15.49 12.34
C SER B 277 -49.43 -16.68 13.29
N ARG B 278 -50.36 -16.71 14.26
CA ARG B 278 -50.34 -17.78 15.28
C ARG B 278 -50.83 -19.15 14.78
N SER B 279 -51.20 -19.20 13.50
CA SER B 279 -51.47 -20.45 12.79
C SER B 279 -50.40 -21.51 13.03
N LYS B 280 -50.78 -22.79 12.95
CA LYS B 280 -49.81 -23.88 13.15
C LYS B 280 -48.92 -24.04 11.91
N SER B 281 -49.48 -23.74 10.72
CA SER B 281 -48.76 -23.84 9.46
C SER B 281 -47.62 -22.81 9.33
N ASN B 282 -47.87 -21.61 9.86
CA ASN B 282 -46.86 -20.55 9.92
C ASN B 282 -45.79 -20.79 10.97
N ASN B 283 -46.15 -21.50 12.04
CA ASN B 283 -45.17 -21.94 13.03
C ASN B 283 -44.28 -23.03 12.45
N ASP B 284 -44.88 -23.89 11.63
CA ASP B 284 -44.17 -24.93 10.90
C ASP B 284 -43.27 -24.31 9.82
N ALA B 285 -43.71 -23.20 9.24
CA ALA B 285 -42.96 -22.50 8.21
C ALA B 285 -41.69 -21.87 8.79
N ALA B 286 -41.83 -21.25 9.97
CA ALA B 286 -40.72 -20.71 10.75
C ALA B 286 -39.67 -21.79 11.05
N LYS B 287 -40.15 -22.97 11.48
CA LYS B 287 -39.30 -24.12 11.72
C LYS B 287 -38.58 -24.59 10.46
N ARG B 288 -39.27 -24.53 9.31
CA ARG B 288 -38.68 -24.92 8.02
C ARG B 288 -37.62 -23.92 7.56
N ALA B 289 -37.88 -22.64 7.84
CA ALA B 289 -36.95 -21.57 7.53
C ALA B 289 -35.63 -21.76 8.28
N ILE B 290 -35.71 -22.01 9.58
CA ILE B 290 -34.51 -22.16 10.40
C ILE B 290 -33.79 -23.48 10.11
N ASP B 291 -34.56 -24.53 9.80
CA ASP B 291 -33.97 -25.78 9.32
C ASP B 291 -33.11 -25.51 8.09
N PHE B 292 -33.67 -24.82 7.10
CA PHE B 292 -33.03 -24.58 5.80
C PHE B 292 -31.84 -23.62 5.83
N MET B 293 -31.86 -22.68 6.77
CA MET B 293 -30.79 -21.72 6.88
C MET B 293 -29.71 -22.20 7.84
N PHE B 294 -30.13 -22.66 9.01
CA PHE B 294 -29.26 -22.96 10.14
C PHE B 294 -29.03 -24.45 10.32
N GLY B 295 -30.11 -25.22 10.32
CA GLY B 295 -30.05 -26.66 10.52
C GLY B 295 -29.33 -27.40 9.41
N TRP B 296 -29.36 -26.79 8.22
CA TRP B 296 -28.64 -27.26 7.05
C TRP B 296 -27.21 -27.65 7.43
N PHE B 297 -26.63 -26.93 8.38
CA PHE B 297 -25.27 -27.19 8.85
C PHE B 297 -25.24 -27.74 10.27
N MET B 298 -26.16 -27.29 11.11
CA MET B 298 -26.25 -27.75 12.50
C MET B 298 -26.59 -29.23 12.68
N ASP B 299 -27.63 -29.69 11.97
CA ASP B 299 -28.04 -31.10 12.05
C ASP B 299 -26.92 -32.06 11.67
N PRO B 300 -26.23 -31.82 10.54
CA PRO B 300 -25.10 -32.71 10.24
C PRO B 300 -24.00 -32.72 11.33
N LEU B 301 -23.75 -31.58 11.96
CA LEU B 301 -22.67 -31.47 12.96
C LEU B 301 -23.01 -32.10 14.32
N ILE B 302 -24.28 -31.97 14.74
CA ILE B 302 -24.75 -32.58 15.98
C ILE B 302 -25.27 -34.02 15.78
N ARG B 303 -26.10 -34.24 14.78
CA ARG B 303 -26.81 -35.52 14.59
C ARG B 303 -26.29 -36.40 13.44
N GLY B 304 -25.41 -35.87 12.62
CA GLY B 304 -24.79 -36.66 11.56
C GLY B 304 -25.56 -36.72 10.25
N ASP B 305 -26.66 -35.97 10.14
CA ASP B 305 -27.38 -35.87 8.87
C ASP B 305 -28.13 -34.54 8.68
N TYR B 306 -28.53 -34.27 7.44
CA TYR B 306 -29.33 -33.06 7.11
C TYR B 306 -30.70 -33.07 7.81
N PRO B 307 -31.33 -31.89 7.96
CA PRO B 307 -32.63 -31.91 8.61
C PRO B 307 -33.65 -32.73 7.81
N LEU B 308 -34.53 -33.43 8.53
CA LEU B 308 -35.56 -34.27 7.91
C LEU B 308 -36.39 -33.51 6.87
N SER B 309 -36.83 -32.31 7.22
CA SER B 309 -37.58 -31.45 6.29
C SER B 309 -36.84 -31.15 4.99
N MET B 310 -35.52 -30.98 5.06
CA MET B 310 -34.71 -30.81 3.85
C MET B 310 -34.66 -32.09 3.04
N ARG B 311 -34.45 -33.22 3.73
CA ARG B 311 -34.37 -34.52 3.07
C ARG B 311 -35.69 -34.83 2.38
N GLY B 312 -36.78 -34.45 3.07
CA GLY B 312 -38.12 -34.70 2.57
C GLY B 312 -38.47 -33.80 1.40
N LEU B 313 -38.30 -32.48 1.57
CA LEU B 313 -38.71 -31.51 0.56
C LEU B 313 -37.76 -31.35 -0.63
N VAL B 314 -36.53 -31.85 -0.52
CA VAL B 314 -35.52 -31.64 -1.58
C VAL B 314 -35.08 -32.96 -2.26
N GLY B 315 -35.26 -34.08 -1.56
CA GLY B 315 -35.00 -35.40 -2.13
C GLY B 315 -33.64 -35.53 -2.81
N ASN B 316 -33.65 -36.05 -4.04
CA ASN B 316 -32.43 -36.34 -4.81
C ASN B 316 -31.48 -35.17 -5.07
N ARG B 317 -31.98 -33.95 -4.94
CA ARG B 317 -31.16 -32.77 -5.20
C ARG B 317 -30.21 -32.49 -4.02
N LEU B 318 -30.54 -33.04 -2.86
CA LEU B 318 -29.72 -32.93 -1.66
C LEU B 318 -28.79 -34.12 -1.63
N PRO B 319 -27.47 -33.88 -1.67
CA PRO B 319 -26.54 -35.01 -1.66
C PRO B 319 -26.68 -35.80 -0.37
N GLN B 320 -26.14 -37.01 -0.33
CA GLN B 320 -26.28 -37.82 0.87
C GLN B 320 -24.94 -38.28 1.42
N PHE B 321 -24.81 -38.18 2.75
CA PHE B 321 -23.59 -38.60 3.42
C PHE B 321 -23.51 -40.10 3.39
N THR B 322 -22.32 -40.63 3.12
CA THR B 322 -22.05 -42.03 3.37
C THR B 322 -21.98 -42.18 4.88
N LYS B 323 -21.92 -43.42 5.35
CA LYS B 323 -21.83 -43.69 6.79
C LYS B 323 -20.51 -43.20 7.38
N GLU B 324 -19.41 -43.44 6.66
CA GLU B 324 -18.10 -42.88 7.02
C GLU B 324 -18.21 -41.37 7.19
N GLN B 325 -18.77 -40.70 6.17
CA GLN B 325 -18.85 -39.25 6.14
C GLN B 325 -19.80 -38.69 7.21
N SER B 326 -20.86 -39.43 7.51
CA SER B 326 -21.77 -39.05 8.58
C SER B 326 -21.06 -39.09 9.93
N LYS B 327 -20.26 -40.15 10.14
CA LYS B 327 -19.49 -40.29 11.36
C LYS B 327 -18.47 -39.15 11.51
N LEU B 328 -17.83 -38.78 10.40
CA LEU B 328 -16.81 -37.74 10.38
C LEU B 328 -17.36 -36.35 10.70
N VAL B 329 -18.50 -36.01 10.12
CA VAL B 329 -19.12 -34.70 10.32
C VAL B 329 -19.74 -34.56 11.70
N LYS B 330 -20.38 -35.61 12.19
CA LYS B 330 -20.98 -35.59 13.51
C LYS B 330 -19.90 -35.34 14.55
N GLY B 331 -20.11 -34.29 15.36
CA GLY B 331 -19.19 -33.95 16.45
C GLY B 331 -17.94 -33.21 16.03
N ALA B 332 -17.80 -32.89 14.75
CA ALA B 332 -16.59 -32.26 14.21
C ALA B 332 -16.49 -30.77 14.52
N PHE B 333 -16.32 -30.43 15.79
CA PHE B 333 -16.15 -29.04 16.22
C PHE B 333 -15.73 -28.99 17.68
N ASP B 334 -15.04 -27.92 18.06
CA ASP B 334 -14.78 -27.63 19.47
C ASP B 334 -15.73 -26.53 19.95
N PHE B 335 -16.12 -25.66 19.03
CA PHE B 335 -17.09 -24.60 19.31
C PHE B 335 -17.82 -24.28 18.02
N ILE B 336 -18.84 -23.46 18.13
CA ILE B 336 -19.59 -23.04 16.98
C ILE B 336 -19.71 -21.54 17.09
N GLY B 337 -19.25 -20.84 16.06
CA GLY B 337 -19.43 -19.40 15.99
C GLY B 337 -20.80 -19.13 15.40
N LEU B 338 -21.51 -18.18 16.00
CA LEU B 338 -22.83 -17.83 15.54
C LEU B 338 -22.86 -16.40 15.09
N ASN B 339 -23.39 -16.18 13.90
CA ASN B 339 -23.62 -14.83 13.40
C ASN B 339 -25.09 -14.48 13.48
N TYR B 340 -25.40 -13.35 14.11
CA TYR B 340 -26.78 -12.88 14.18
C TYR B 340 -26.89 -11.39 13.88
N TYR B 341 -27.87 -11.06 13.05
CA TYR B 341 -28.10 -9.69 12.65
C TYR B 341 -29.55 -9.24 12.82
N THR B 342 -30.48 -10.10 12.43
CA THR B 342 -31.87 -9.69 12.22
C THR B 342 -32.86 -10.85 12.35
N ALA B 343 -34.13 -10.52 12.13
CA ALA B 343 -35.21 -11.50 12.12
C ALA B 343 -36.13 -11.27 10.91
N ASN B 344 -36.79 -12.34 10.45
CA ASN B 344 -37.87 -12.23 9.46
C ASN B 344 -39.18 -12.83 9.97
N TYR B 345 -40.29 -12.45 9.33
CA TYR B 345 -41.54 -13.19 9.46
C TYR B 345 -41.48 -14.35 8.49
N ALA B 346 -41.87 -15.54 8.95
CA ALA B 346 -41.93 -16.70 8.07
C ALA B 346 -43.38 -17.06 7.81
N ASP B 347 -43.69 -17.19 6.53
CA ASP B 347 -45.04 -17.39 6.07
C ASP B 347 -45.11 -18.63 5.20
N ASN B 348 -46.08 -19.49 5.45
CA ASN B 348 -46.22 -20.71 4.67
C ASN B 348 -46.40 -20.41 3.17
N LEU B 349 -45.68 -21.16 2.34
CA LEU B 349 -45.80 -21.03 0.89
C LEU B 349 -46.32 -22.35 0.30
N PRO B 350 -47.32 -22.28 -0.60
CA PRO B 350 -47.71 -23.49 -1.33
C PRO B 350 -46.60 -23.85 -2.33
N PRO B 351 -46.49 -25.15 -2.68
CA PRO B 351 -45.50 -25.53 -3.69
C PRO B 351 -45.88 -24.88 -5.00
N SER B 352 -44.94 -24.69 -5.93
CA SER B 352 -45.33 -24.04 -7.20
C SER B 352 -44.56 -24.47 -8.45
N ASN B 353 -43.99 -25.67 -8.37
CA ASN B 353 -42.70 -26.00 -8.99
C ASN B 353 -42.59 -27.23 -9.89
N GLY B 354 -41.58 -28.06 -9.66
CA GLY B 354 -41.24 -29.10 -10.62
C GLY B 354 -40.22 -28.62 -11.64
N LEU B 355 -40.38 -27.38 -12.14
CA LEU B 355 -39.44 -26.84 -13.13
C LEU B 355 -38.69 -25.61 -12.62
N ASN B 356 -39.23 -24.94 -11.62
CA ASN B 356 -38.52 -23.77 -11.07
C ASN B 356 -37.96 -23.99 -9.66
N ASN B 357 -37.44 -25.20 -9.43
CA ASN B 357 -36.79 -25.57 -8.16
C ASN B 357 -35.56 -24.70 -7.86
N SER B 358 -35.58 -24.05 -6.70
CA SER B 358 -34.48 -23.21 -6.26
C SER B 358 -34.33 -23.35 -4.76
N TYR B 359 -33.09 -23.37 -4.28
CA TYR B 359 -32.86 -23.35 -2.83
C TYR B 359 -33.69 -22.27 -2.17
N THR B 360 -33.85 -21.15 -2.88
CA THR B 360 -34.56 -19.98 -2.39
C THR B 360 -35.99 -20.29 -1.94
N THR B 361 -36.64 -21.21 -2.66
CA THR B 361 -38.05 -21.54 -2.39
C THR B 361 -38.22 -22.93 -1.79
N ASP B 362 -37.13 -23.70 -1.77
CA ASP B 362 -37.16 -25.10 -1.36
C ASP B 362 -37.69 -25.33 0.06
N SER B 363 -37.60 -24.32 0.92
CA SER B 363 -38.10 -24.40 2.29
C SER B 363 -39.63 -24.30 2.33
N ARG B 364 -40.22 -23.91 1.20
CA ARG B 364 -41.63 -23.53 1.09
C ARG B 364 -42.05 -22.59 2.20
N ALA B 365 -41.19 -21.61 2.46
CA ALA B 365 -41.45 -20.53 3.41
C ALA B 365 -41.22 -19.20 2.69
N ASN B 366 -41.95 -18.17 3.10
CA ASN B 366 -41.80 -16.85 2.51
C ASN B 366 -41.40 -15.88 3.60
N LEU B 367 -40.26 -15.24 3.36
CA LEU B 367 -39.60 -14.45 4.38
C LEU B 367 -39.74 -12.98 4.05
N THR B 368 -40.31 -12.22 4.98
CA THR B 368 -40.43 -10.78 4.81
C THR B 368 -39.99 -10.11 6.09
N GLY B 369 -39.77 -8.81 6.05
CA GLY B 369 -39.44 -8.03 7.23
C GLY B 369 -40.58 -7.12 7.64
N VAL B 370 -41.67 -7.17 6.88
CA VAL B 370 -42.82 -6.31 7.11
C VAL B 370 -44.10 -7.15 7.18
N ARG B 371 -44.96 -6.83 8.14
CA ARG B 371 -46.26 -7.48 8.29
C ARG B 371 -47.32 -6.39 8.35
N ASN B 372 -48.20 -6.40 7.36
CA ASN B 372 -49.25 -5.39 7.20
C ASN B 372 -48.72 -3.95 7.31
N GLY B 373 -47.66 -3.68 6.56
CA GLY B 373 -47.03 -2.35 6.53
C GLY B 373 -46.13 -2.00 7.73
N ILE B 374 -46.10 -2.86 8.75
CA ILE B 374 -45.26 -2.61 9.93
C ILE B 374 -44.03 -3.52 9.95
N PRO B 375 -42.83 -2.92 9.82
CA PRO B 375 -41.58 -3.67 9.83
C PRO B 375 -41.32 -4.31 11.19
N ILE B 376 -40.85 -5.55 11.15
CA ILE B 376 -40.54 -6.36 12.34
C ILE B 376 -39.62 -5.63 13.35
N GLY B 377 -38.84 -4.68 12.84
CA GLY B 377 -38.01 -3.76 13.63
C GLY B 377 -37.56 -2.62 12.74
N PRO B 378 -37.01 -1.54 13.33
CA PRO B 378 -36.47 -0.46 12.48
C PRO B 378 -35.40 -0.95 11.50
N GLN B 379 -35.47 -0.48 10.26
CA GLN B 379 -34.59 -0.94 9.20
C GLN B 379 -33.31 -0.10 9.14
N ALA B 380 -32.17 -0.78 9.08
CA ALA B 380 -30.87 -0.13 8.90
C ALA B 380 -30.55 0.06 7.43
N ALA B 381 -29.41 0.67 7.14
CA ALA B 381 -28.97 0.95 5.77
C ALA B 381 -29.11 -0.25 4.79
N SER B 382 -28.76 -1.45 5.26
CA SER B 382 -28.95 -2.66 4.47
C SER B 382 -30.43 -3.06 4.49
N PRO B 383 -31.02 -3.26 3.30
CA PRO B 383 -32.47 -3.54 3.20
C PRO B 383 -32.88 -4.79 3.99
N TRP B 384 -31.98 -5.78 4.04
CA TRP B 384 -32.24 -7.05 4.72
C TRP B 384 -32.12 -6.96 6.25
N LEU B 385 -31.60 -5.85 6.77
CA LEU B 385 -31.28 -5.73 8.19
C LEU B 385 -32.35 -4.98 9.02
N TYR B 386 -33.08 -5.74 9.83
CA TYR B 386 -34.11 -5.19 10.72
C TYR B 386 -33.67 -5.40 12.15
N VAL B 387 -33.68 -4.31 12.93
CA VAL B 387 -33.20 -4.35 14.31
C VAL B 387 -34.21 -5.06 15.24
N TYR B 388 -33.84 -6.25 15.67
CA TYR B 388 -34.71 -7.08 16.48
C TYR B 388 -33.92 -7.78 17.58
N PRO B 389 -33.50 -7.03 18.63
CA PRO B 389 -32.67 -7.59 19.71
C PRO B 389 -33.28 -8.80 20.40
N GLN B 390 -34.60 -8.89 20.41
CA GLN B 390 -35.31 -10.01 21.05
C GLN B 390 -34.97 -11.35 20.41
N GLY B 391 -34.74 -11.33 19.09
CA GLY B 391 -34.48 -12.55 18.33
C GLY B 391 -33.11 -13.13 18.62
N PHE B 392 -32.21 -12.28 19.11
CA PHE B 392 -30.88 -12.72 19.50
C PHE B 392 -31.03 -13.73 20.62
N ARG B 393 -31.72 -13.32 21.69
CA ARG B 393 -32.06 -14.21 22.81
C ARG B 393 -32.70 -15.50 22.33
N ASP B 394 -33.74 -15.36 21.50
CA ASP B 394 -34.53 -16.50 21.03
C ASP B 394 -33.68 -17.51 20.27
N LEU B 395 -32.73 -17.01 19.48
CA LEU B 395 -31.85 -17.89 18.69
C LEU B 395 -30.93 -18.69 19.61
N LEU B 396 -30.32 -18.00 20.56
CA LEU B 396 -29.42 -18.63 21.51
C LEU B 396 -30.10 -19.72 22.34
N LEU B 397 -31.35 -19.49 22.71
CA LEU B 397 -32.09 -20.47 23.49
C LEU B 397 -32.54 -21.64 22.63
N TYR B 398 -32.87 -21.35 21.38
CA TYR B 398 -33.21 -22.41 20.43
C TYR B 398 -32.06 -23.38 20.27
N VAL B 399 -30.84 -22.83 20.20
CA VAL B 399 -29.61 -23.61 20.07
C VAL B 399 -29.36 -24.46 21.33
N LYS B 400 -29.51 -23.85 22.50
CA LYS B 400 -29.45 -24.56 23.78
C LYS B 400 -30.40 -25.78 23.86
N GLU B 401 -31.65 -25.57 23.49
CA GLU B 401 -32.70 -26.58 23.62
C GLU B 401 -32.66 -27.66 22.56
N ASN B 402 -32.41 -27.29 21.32
CA ASN B 402 -32.50 -28.27 20.24
C ASN B 402 -31.18 -28.92 19.84
N TYR B 403 -30.07 -28.38 20.33
CA TYR B 403 -28.75 -28.81 19.84
C TYR B 403 -27.74 -29.25 20.92
N GLY B 404 -28.23 -29.34 22.15
CA GLY B 404 -27.42 -29.83 23.26
C GLY B 404 -26.52 -28.76 23.86
N ASN B 405 -26.84 -27.50 23.60
CA ASN B 405 -26.10 -26.36 24.16
C ASN B 405 -24.57 -26.43 23.94
N PRO B 406 -24.12 -26.47 22.68
CA PRO B 406 -22.67 -26.55 22.45
C PRO B 406 -21.97 -25.24 22.81
N THR B 407 -20.66 -25.28 22.97
CA THR B 407 -19.85 -24.08 23.17
C THR B 407 -20.04 -23.12 21.97
N VAL B 408 -20.35 -21.86 22.27
CA VAL B 408 -20.72 -20.90 21.25
C VAL B 408 -19.93 -19.61 21.45
N TYR B 409 -19.43 -19.06 20.35
CA TYR B 409 -18.98 -17.67 20.33
C TYR B 409 -19.87 -16.91 19.38
N ILE B 410 -20.13 -15.65 19.70
CA ILE B 410 -20.84 -14.82 18.74
C ILE B 410 -19.77 -14.20 17.87
N THR B 411 -19.66 -14.72 16.65
CA THR B 411 -18.55 -14.36 15.80
C THR B 411 -18.82 -13.10 14.96
N GLU B 412 -20.11 -12.77 14.79
CA GLU B 412 -20.54 -11.53 14.13
C GLU B 412 -21.88 -11.00 14.66
N ASN B 413 -21.89 -9.72 15.03
CA ASN B 413 -23.11 -9.00 15.37
C ASN B 413 -22.87 -7.53 15.16
N GLY B 414 -23.76 -6.87 14.41
CA GLY B 414 -23.62 -5.44 14.13
C GLY B 414 -24.69 -4.88 13.22
N VAL B 415 -24.50 -3.61 12.83
CA VAL B 415 -25.50 -2.82 12.12
C VAL B 415 -24.81 -1.73 11.27
N ASP B 416 -25.46 -1.29 10.19
CA ASP B 416 -24.86 -0.29 9.31
C ASP B 416 -25.68 0.99 9.06
N GLU B 417 -24.97 2.10 8.87
CA GLU B 417 -25.59 3.33 8.39
C GLU B 417 -25.06 3.62 6.98
N PHE B 418 -25.74 4.52 6.27
CA PHE B 418 -25.37 4.88 4.91
C PHE B 418 -24.04 5.60 4.82
N ASN B 419 -23.30 5.31 3.76
CA ASN B 419 -22.18 6.15 3.36
C ASN B 419 -22.74 7.36 2.63
N ASN B 420 -22.48 8.53 3.19
CA ASN B 420 -23.14 9.76 2.76
C ASN B 420 -22.12 10.87 2.52
N LYS B 421 -21.78 11.08 1.26
CA LYS B 421 -20.74 12.05 0.87
C LYS B 421 -21.02 13.49 1.33
N THR B 422 -22.28 13.82 1.57
CA THR B 422 -22.67 15.21 1.93
C THR B 422 -22.45 15.54 3.40
N LEU B 423 -22.47 14.52 4.25
CA LEU B 423 -22.31 14.73 5.69
C LEU B 423 -20.90 15.19 6.03
N PRO B 424 -20.79 16.30 6.79
CA PRO B 424 -19.48 16.67 7.32
C PRO B 424 -18.97 15.59 8.26
N LEU B 425 -17.64 15.47 8.33
CA LEU B 425 -16.99 14.38 9.07
C LEU B 425 -17.55 14.19 10.48
N GLN B 426 -17.70 15.30 11.20
CA GLN B 426 -18.12 15.29 12.61
C GLN B 426 -19.52 14.73 12.81
N GLU B 427 -20.38 14.89 11.81
CA GLU B 427 -21.74 14.33 11.86
C GLU B 427 -21.74 12.85 11.53
N ALA B 428 -20.82 12.44 10.66
CA ALA B 428 -20.66 11.03 10.27
C ALA B 428 -20.26 10.13 11.45
N LEU B 429 -19.51 10.70 12.40
CA LEU B 429 -19.05 9.97 13.58
C LEU B 429 -20.12 9.82 14.67
N LYS B 430 -21.26 10.49 14.50
CA LYS B 430 -22.36 10.46 15.49
C LYS B 430 -23.29 9.29 15.26
N ASP B 431 -22.87 8.10 15.68
CA ASP B 431 -23.60 6.88 15.33
C ASP B 431 -24.41 6.30 16.49
N ASP B 432 -25.37 7.07 16.98
CA ASP B 432 -26.17 6.65 18.13
C ASP B 432 -27.08 5.47 17.83
N ALA B 433 -27.43 5.28 16.58
CA ALA B 433 -28.17 4.10 16.16
C ALA B 433 -27.33 2.84 16.37
N ARG B 434 -26.01 2.95 16.15
CA ARG B 434 -25.07 1.85 16.45
C ARG B 434 -24.98 1.58 17.95
N ILE B 435 -24.79 2.63 18.74
CA ILE B 435 -24.75 2.47 20.20
C ILE B 435 -26.02 1.78 20.68
N GLU B 436 -27.16 2.22 20.19
CA GLU B 436 -28.45 1.65 20.59
C GLU B 436 -28.55 0.16 20.20
N TYR B 437 -28.09 -0.18 19.00
CA TYR B 437 -28.06 -1.57 18.52
C TYR B 437 -27.25 -2.45 19.47
N TYR B 438 -26.06 -2.00 19.84
CA TYR B 438 -25.19 -2.82 20.68
C TYR B 438 -25.69 -2.94 22.11
N HIS B 439 -26.12 -1.82 22.69
CA HIS B 439 -26.72 -1.79 24.02
C HIS B 439 -27.79 -2.86 24.14
N LYS B 440 -28.80 -2.78 23.26
CA LYS B 440 -29.92 -3.70 23.32
C LYS B 440 -29.50 -5.14 23.08
N HIS B 441 -28.57 -5.34 22.13
CA HIS B 441 -28.14 -6.67 21.73
C HIS B 441 -27.24 -7.29 22.80
N LEU B 442 -26.45 -6.47 23.46
CA LEU B 442 -25.62 -6.97 24.56
C LEU B 442 -26.46 -7.31 25.79
N LEU B 443 -27.52 -6.54 26.01
CA LEU B 443 -28.51 -6.86 27.06
C LEU B 443 -29.26 -8.15 26.74
N SER B 444 -29.64 -8.32 25.48
CA SER B 444 -30.34 -9.55 25.07
C SER B 444 -29.45 -10.78 25.25
N LEU B 445 -28.17 -10.66 24.87
CA LEU B 445 -27.17 -11.72 25.04
C LEU B 445 -26.98 -12.06 26.52
N LEU B 446 -26.91 -11.02 27.35
CA LEU B 446 -26.76 -11.22 28.79
C LEU B 446 -27.92 -12.06 29.35
N SER B 447 -29.14 -11.71 28.95
CA SER B 447 -30.32 -12.41 29.46
C SER B 447 -30.28 -13.89 29.08
N ALA B 448 -29.76 -14.17 27.89
CA ALA B 448 -29.67 -15.54 27.40
C ALA B 448 -28.58 -16.32 28.14
N ILE B 449 -27.52 -15.62 28.52
CA ILE B 449 -26.46 -16.22 29.33
C ILE B 449 -27.00 -16.48 30.73
N ARG B 450 -27.83 -15.56 31.23
CA ARG B 450 -28.43 -15.71 32.55
C ARG B 450 -29.37 -16.92 32.61
N ASP B 451 -29.98 -17.27 31.49
CA ASP B 451 -30.51 -18.63 31.32
C ASP B 451 -29.33 -19.53 30.93
N GLY B 452 -29.59 -20.71 30.38
CA GLY B 452 -28.48 -21.66 30.18
C GLY B 452 -27.40 -21.44 29.12
N ALA B 453 -27.54 -20.43 28.26
CA ALA B 453 -26.71 -20.33 27.03
C ALA B 453 -25.20 -20.47 27.22
N ASN B 454 -24.61 -21.44 26.55
CA ASN B 454 -23.18 -21.71 26.65
C ASN B 454 -22.34 -20.84 25.70
N VAL B 455 -22.35 -19.53 25.96
CA VAL B 455 -21.69 -18.53 25.13
C VAL B 455 -20.44 -18.02 25.81
N LYS B 456 -19.31 -18.10 25.11
CA LYS B 456 -18.00 -17.83 25.69
C LYS B 456 -17.33 -16.53 25.22
N GLY B 457 -17.94 -15.88 24.24
CA GLY B 457 -17.39 -14.65 23.67
C GLY B 457 -18.29 -13.97 22.67
N TYR B 458 -17.93 -12.73 22.34
CA TYR B 458 -18.73 -11.90 21.47
C TYR B 458 -17.82 -11.07 20.55
N PHE B 459 -18.08 -11.13 19.25
CA PHE B 459 -17.31 -10.33 18.29
C PHE B 459 -18.21 -9.38 17.53
N ALA B 460 -17.94 -8.08 17.65
CA ALA B 460 -18.71 -7.09 16.94
C ALA B 460 -18.27 -6.98 15.49
N TRP B 461 -19.23 -7.02 14.56
CA TRP B 461 -18.96 -6.66 13.17
C TRP B 461 -19.29 -5.19 12.92
N SER B 462 -18.30 -4.35 12.63
CA SER B 462 -16.90 -4.76 12.50
C SER B 462 -16.01 -3.64 13.00
N LEU B 463 -14.71 -3.89 13.04
CA LEU B 463 -13.78 -2.85 13.53
C LEU B 463 -13.86 -1.57 12.68
N LEU B 464 -13.84 -1.74 11.37
CA LEU B 464 -13.72 -0.62 10.44
C LEU B 464 -14.80 -0.73 9.38
N ASP B 465 -15.16 0.41 8.80
CA ASP B 465 -15.96 0.41 7.57
C ASP B 465 -15.13 -0.36 6.56
N ASN B 466 -15.80 -1.04 5.63
CA ASN B 466 -15.10 -1.95 4.73
C ASN B 466 -15.92 -2.26 3.49
N PHE B 467 -15.37 -3.07 2.61
CA PHE B 467 -16.07 -3.44 1.38
C PHE B 467 -17.20 -4.43 1.70
N GLU B 468 -18.46 -3.94 1.65
CA GLU B 468 -19.64 -4.74 2.01
C GLU B 468 -20.20 -5.51 0.82
N TRP B 469 -19.34 -6.27 0.18
CA TRP B 469 -19.76 -7.14 -0.90
C TRP B 469 -20.62 -6.37 -1.91
N SER B 470 -21.80 -6.90 -2.24
CA SER B 470 -22.58 -6.37 -3.34
C SER B 470 -23.08 -4.94 -3.09
N ASN B 471 -22.97 -4.50 -1.85
CA ASN B 471 -23.28 -3.12 -1.48
C ASN B 471 -22.09 -2.18 -1.60
N GLY B 472 -20.93 -2.72 -1.97
CA GLY B 472 -19.72 -1.92 -2.17
C GLY B 472 -19.37 -1.11 -0.93
N TYR B 473 -19.12 0.18 -1.13
CA TYR B 473 -18.83 1.09 -0.03
C TYR B 473 -20.01 2.01 0.28
N THR B 474 -21.21 1.65 -0.18
CA THR B 474 -22.38 2.51 0.07
C THR B 474 -22.93 2.41 1.50
N VAL B 475 -22.43 1.45 2.28
CA VAL B 475 -22.86 1.27 3.69
C VAL B 475 -21.66 1.09 4.62
N ARG B 476 -21.86 1.46 5.89
CA ARG B 476 -20.77 1.53 6.84
C ARG B 476 -21.14 0.75 8.09
N PHE B 477 -20.44 -0.38 8.32
CA PHE B 477 -20.69 -1.27 9.46
C PHE B 477 -19.74 -1.04 10.60
N GLY B 478 -18.72 -0.21 10.37
CA GLY B 478 -17.61 -0.13 11.30
C GLY B 478 -17.88 0.63 12.58
N ILE B 479 -17.09 0.33 13.60
CA ILE B 479 -17.10 1.10 14.83
C ILE B 479 -16.12 2.25 14.69
N ASN B 480 -15.25 2.14 13.70
CA ASN B 480 -14.38 3.23 13.29
C ASN B 480 -14.63 3.59 11.84
N PHE B 481 -14.60 4.89 11.58
CA PHE B 481 -14.89 5.46 10.28
C PHE B 481 -13.62 5.33 9.43
N VAL B 482 -13.78 4.99 8.16
CA VAL B 482 -12.66 4.97 7.23
C VAL B 482 -12.93 5.96 6.09
N ASP B 483 -12.04 6.94 5.98
CA ASP B 483 -12.14 7.97 4.99
C ASP B 483 -11.52 7.52 3.67
N TYR B 484 -12.36 7.08 2.74
CA TYR B 484 -11.91 6.55 1.46
C TYR B 484 -11.30 7.63 0.53
N ASN B 485 -11.66 8.88 0.77
CA ASN B 485 -11.17 9.98 -0.04
C ASN B 485 -9.88 10.59 0.52
N ASP B 486 -9.56 10.28 1.77
CA ASP B 486 -8.31 10.78 2.36
C ASP B 486 -7.44 9.64 2.91
N GLY B 487 -6.83 8.90 2.00
CA GLY B 487 -5.82 7.89 2.31
C GLY B 487 -6.27 6.75 3.20
N ARG B 488 -7.57 6.56 3.32
CA ARG B 488 -8.15 5.53 4.18
C ARG B 488 -7.85 5.73 5.68
N LYS B 489 -7.77 6.99 6.08
CA LYS B 489 -7.55 7.33 7.49
C LYS B 489 -8.72 6.86 8.35
N ARG B 490 -8.39 6.51 9.60
CA ARG B 490 -9.36 5.97 10.54
C ARG B 490 -9.76 7.00 11.60
N TYR B 491 -11.06 7.15 11.82
CA TYR B 491 -11.58 7.95 12.94
C TYR B 491 -12.53 7.12 13.78
N PRO B 492 -12.25 7.01 15.10
CA PRO B 492 -13.22 6.42 16.03
C PRO B 492 -14.56 7.13 15.94
N LYS B 493 -15.62 6.36 15.76
CA LYS B 493 -16.99 6.88 15.87
C LYS B 493 -17.37 6.93 17.36
N ASN B 494 -18.51 7.55 17.67
CA ASN B 494 -19.05 7.55 19.04
C ASN B 494 -19.08 6.16 19.69
N SER B 495 -19.50 5.16 18.91
CA SER B 495 -19.59 3.78 19.38
C SER B 495 -18.26 3.22 19.89
N ALA B 496 -17.14 3.72 19.34
CA ALA B 496 -15.81 3.33 19.81
C ALA B 496 -15.59 3.74 21.27
N HIS B 497 -15.93 5.00 21.55
CA HIS B 497 -15.85 5.56 22.90
C HIS B 497 -16.77 4.82 23.87
N TRP B 498 -17.95 4.46 23.39
CA TRP B 498 -18.90 3.65 24.13
C TRP B 498 -18.32 2.28 24.50
N PHE B 499 -17.77 1.58 23.52
CA PHE B 499 -17.12 0.31 23.78
C PHE B 499 -15.96 0.45 24.75
N LYS B 500 -15.18 1.52 24.62
CA LYS B 500 -14.09 1.74 25.55
C LYS B 500 -14.58 1.77 26.99
N LYS B 501 -15.71 2.44 27.20
CA LYS B 501 -16.37 2.51 28.52
C LYS B 501 -16.82 1.11 28.93
N PHE B 502 -17.63 0.49 28.06
CA PHE B 502 -18.16 -0.87 28.28
C PHE B 502 -17.08 -1.90 28.69
N LEU B 503 -15.87 -1.74 28.17
CA LEU B 503 -14.85 -2.77 28.31
C LEU B 503 -13.87 -2.51 29.44
N LEU B 504 -14.16 -1.56 30.30
CA LEU B 504 -13.21 -1.20 31.35
C LEU B 504 -12.94 -2.33 32.37
N LYS B 505 -11.66 -2.43 32.74
CA LYS B 505 -11.06 -3.45 33.63
C LYS B 505 -11.49 -4.88 33.32
C TRS C . 14.16 17.38 -7.89
C1 TRS C . 13.42 18.67 -8.23
C2 TRS C . 13.66 16.80 -6.57
C3 TRS C . 15.66 17.66 -7.81
N TRS C . 13.92 16.39 -8.96
O1 TRS C . 12.04 18.47 -8.41
O2 TRS C . 12.59 15.91 -6.82
O3 TRS C . 16.37 16.47 -7.53
ZN ZN D . 2.09 -2.09 -0.75
C TRS E . -21.47 -9.28 6.44
C1 TRS E . -21.77 -10.41 7.42
C2 TRS E . -19.97 -9.13 6.12
C3 TRS E . -21.97 -7.98 7.04
N TRS E . -22.17 -9.53 5.18
O1 TRS E . -22.44 -11.49 6.81
O2 TRS E . -19.16 -10.15 6.69
O3 TRS E . -23.35 -7.84 6.79
#